data_1ERJ
#
_entry.id   1ERJ
#
_cell.length_a   119.280
_cell.length_b   119.280
_cell.length_c   77.070
_cell.angle_alpha   90.00
_cell.angle_beta   90.00
_cell.angle_gamma   120.00
#
_symmetry.space_group_name_H-M   'P 31'
#
loop_
_entity.id
_entity.type
_entity.pdbx_description
1 polymer 'TRANSCRIPTIONAL REPRESSOR TUP1'
2 water water
#
_entity_poly.entity_id   1
_entity_poly.type   'polypeptide(L)'
_entity_poly.pdbx_seq_one_letter_code
;MDHYLVPYNQRANHSKPIPPFLLDLDSQSVPDALKKQTNDYYILYNPALPREIDVELHKSLDHTSVVCCVKFSNDGEYLA
TGCNKTTQVYRVSDGSLVARLSDDSAANKDPENLNTSSSPSSDLYIRSVCFSPDGKFLATGAEDRLIRIWDIENRKIVMI
LQGHEQDIYSLDYFPSGDKLVSGSGDRTVRIWDLRTGQCSLTLSIEDGVTTVAVSPGDGKYIAAGSLDRAVRVWDSETGF
LVERLDSENESGTGHKDSVYSVVFTRDGQSVVSGSLDRSVKLWNLQNANNKSDSKTPNSGTCEVTYIGHKDFVLSVATTQ
NDEYILSGSKDRGVLFWDKKSGNPLLMLQGHRNSVISVAVANGSSLGPEYNVFATGSGDCKARIWKYKKIAPN
;
_entity_poly.pdbx_strand_id   A,B,C
#
# COMPACT_ATOMS: atom_id res chain seq x y z
N HIS A 3 14.10 -33.88 4.66
CA HIS A 3 12.93 -33.47 5.49
C HIS A 3 11.81 -32.94 4.63
N TYR A 4 10.58 -33.37 4.95
CA TYR A 4 9.39 -33.00 4.22
C TYR A 4 9.08 -31.51 4.11
N LEU A 5 8.65 -31.11 2.92
CA LEU A 5 8.25 -29.75 2.64
C LEU A 5 7.04 -29.84 1.73
N VAL A 6 6.13 -28.87 1.82
CA VAL A 6 4.95 -28.90 0.98
C VAL A 6 5.30 -28.45 -0.44
N PRO A 7 5.06 -29.31 -1.44
CA PRO A 7 5.36 -28.98 -2.83
C PRO A 7 4.42 -27.83 -3.25
N TYR A 8 4.96 -26.80 -3.90
CA TYR A 8 4.14 -25.66 -4.29
C TYR A 8 2.92 -26.05 -5.12
N ASN A 9 2.96 -27.25 -5.69
CA ASN A 9 1.86 -27.75 -6.53
C ASN A 9 0.75 -28.43 -5.72
N GLN A 10 1.01 -28.70 -4.44
CA GLN A 10 0.02 -29.35 -3.59
C GLN A 10 -0.43 -28.51 -2.40
N ARG A 11 -0.17 -27.21 -2.48
CA ARG A 11 -0.55 -26.29 -1.42
C ARG A 11 -2.04 -26.36 -1.09
N ALA A 12 -2.89 -26.29 -2.11
CA ALA A 12 -4.35 -26.34 -1.92
C ALA A 12 -4.83 -27.74 -1.55
N ASN A 13 -4.04 -28.74 -1.91
CA ASN A 13 -4.37 -30.14 -1.65
C ASN A 13 -4.75 -30.42 -0.20
N HIS A 14 -6.00 -30.87 0.00
CA HIS A 14 -6.50 -31.16 1.34
C HIS A 14 -5.96 -32.46 1.92
N SER A 15 -5.61 -33.42 1.06
CA SER A 15 -5.14 -34.70 1.56
C SER A 15 -3.65 -34.97 1.66
N LYS A 16 -2.85 -33.95 1.94
CA LYS A 16 -1.43 -34.23 2.11
C LYS A 16 -1.19 -34.76 3.52
N PRO A 17 -0.03 -35.37 3.76
CA PRO A 17 0.29 -35.94 5.07
C PRO A 17 0.74 -34.93 6.13
N ILE A 18 0.66 -35.37 7.39
CA ILE A 18 1.12 -34.57 8.52
C ILE A 18 2.65 -34.57 8.45
N PRO A 19 3.29 -33.41 8.57
CA PRO A 19 4.75 -33.45 8.50
C PRO A 19 5.28 -34.33 9.64
N PRO A 20 6.27 -35.20 9.34
CA PRO A 20 6.86 -36.11 10.33
C PRO A 20 7.25 -35.50 11.69
N PHE A 21 7.73 -34.25 11.68
CA PHE A 21 8.12 -33.63 12.94
C PHE A 21 6.94 -33.27 13.82
N LEU A 22 5.73 -33.37 13.28
CA LEU A 22 4.53 -33.07 14.04
C LEU A 22 3.74 -34.32 14.39
N LEU A 23 4.13 -35.47 13.85
CA LEU A 23 3.43 -36.72 14.11
C LEU A 23 3.52 -37.13 15.57
N ASP A 24 4.59 -36.72 16.26
CA ASP A 24 4.75 -37.03 17.67
C ASP A 24 5.13 -35.75 18.43
N LEU A 25 4.19 -35.20 19.18
CA LEU A 25 4.40 -33.98 19.93
C LEU A 25 5.31 -34.14 21.15
N ASP A 26 5.80 -35.36 21.37
CA ASP A 26 6.68 -35.62 22.51
C ASP A 26 7.98 -34.82 22.41
N SER A 27 8.21 -33.96 23.41
CA SER A 27 9.41 -33.13 23.44
C SER A 27 10.65 -33.84 23.98
N GLN A 28 10.46 -35.02 24.58
CA GLN A 28 11.58 -35.78 25.14
C GLN A 28 12.17 -36.79 24.16
N SER A 29 12.35 -36.38 22.90
CA SER A 29 12.92 -37.27 21.88
C SER A 29 13.59 -36.50 20.73
N VAL A 30 13.22 -35.23 20.57
CA VAL A 30 13.78 -34.41 19.49
C VAL A 30 15.05 -33.71 19.91
N PRO A 31 16.03 -33.64 19.00
CA PRO A 31 17.34 -33.01 19.23
C PRO A 31 17.24 -31.63 19.89
N ASP A 32 18.21 -31.33 20.75
CA ASP A 32 18.24 -30.06 21.45
C ASP A 32 18.33 -28.90 20.47
N ALA A 33 18.69 -29.21 19.22
CA ALA A 33 18.81 -28.17 18.20
C ALA A 33 17.49 -27.88 17.49
N LEU A 34 16.52 -28.78 17.65
CA LEU A 34 15.23 -28.61 17.01
C LEU A 34 14.12 -28.25 18.02
N LYS A 35 14.49 -27.96 19.26
CA LYS A 35 13.47 -27.61 20.24
C LYS A 35 13.93 -26.62 21.31
N LYS A 36 12.98 -25.82 21.78
CA LYS A 36 13.25 -24.85 22.84
C LYS A 36 12.32 -25.22 23.98
N GLN A 37 12.90 -25.56 25.12
CA GLN A 37 12.11 -25.98 26.27
C GLN A 37 12.40 -25.12 27.51
N THR A 38 11.36 -24.81 28.26
CA THR A 38 11.47 -24.06 29.50
C THR A 38 10.45 -24.78 30.37
N ASN A 39 10.34 -24.39 31.64
CA ASN A 39 9.40 -25.08 32.50
C ASN A 39 7.96 -24.73 32.13
N ASP A 40 7.77 -23.61 31.44
CA ASP A 40 6.43 -23.18 31.08
C ASP A 40 5.90 -23.55 29.71
N TYR A 41 6.79 -23.93 28.79
CA TYR A 41 6.39 -24.26 27.42
C TYR A 41 7.56 -24.78 26.61
N TYR A 42 7.25 -25.42 25.49
CA TYR A 42 8.30 -25.87 24.61
C TYR A 42 7.89 -25.66 23.15
N ILE A 43 8.88 -25.50 22.29
CA ILE A 43 8.64 -25.26 20.90
C ILE A 43 9.33 -26.33 20.07
N LEU A 44 8.65 -26.79 19.03
CA LEU A 44 9.22 -27.77 18.12
C LEU A 44 9.41 -26.98 16.83
N TYR A 45 10.61 -27.06 16.25
CA TYR A 45 10.89 -26.35 15.00
C TYR A 45 10.90 -27.30 13.80
N ASN A 46 10.46 -26.81 12.64
CA ASN A 46 10.47 -27.64 11.45
C ASN A 46 11.94 -27.90 11.08
N PRO A 47 12.35 -29.17 11.01
CA PRO A 47 13.73 -29.50 10.66
C PRO A 47 14.14 -29.23 9.22
N ALA A 48 13.17 -28.91 8.36
CA ALA A 48 13.47 -28.66 6.96
C ALA A 48 13.70 -27.19 6.63
N LEU A 49 13.51 -26.31 7.61
CA LEU A 49 13.70 -24.90 7.36
C LEU A 49 14.70 -24.27 8.33
N PRO A 50 15.16 -23.04 8.02
CA PRO A 50 16.11 -22.35 8.91
C PRO A 50 15.38 -21.81 10.14
N ARG A 51 15.72 -22.29 11.33
CA ARG A 51 15.08 -21.78 12.54
C ARG A 51 15.35 -20.29 12.55
N GLU A 52 14.29 -19.53 12.38
CA GLU A 52 14.42 -18.08 12.38
C GLU A 52 13.84 -17.50 13.68
N ILE A 53 12.50 -17.47 13.73
CA ILE A 53 11.69 -16.94 14.84
C ILE A 53 11.87 -17.48 16.25
N ASP A 54 11.95 -16.58 17.22
CA ASP A 54 12.04 -17.00 18.62
C ASP A 54 10.74 -16.57 19.30
N VAL A 55 10.23 -17.41 20.18
CA VAL A 55 8.99 -17.10 20.87
C VAL A 55 9.24 -17.11 22.39
N GLU A 56 8.70 -16.11 23.08
CA GLU A 56 8.86 -16.07 24.51
C GLU A 56 7.54 -15.74 25.21
N LEU A 57 7.43 -16.25 26.43
CA LEU A 57 6.29 -16.03 27.28
C LEU A 57 6.49 -14.66 27.93
N HIS A 58 5.50 -13.78 27.80
CA HIS A 58 5.57 -12.44 28.38
C HIS A 58 4.81 -12.37 29.72
N LYS A 59 3.56 -12.83 29.74
CA LYS A 59 2.78 -12.87 30.97
C LYS A 59 1.80 -14.03 30.96
N SER A 60 1.59 -14.63 32.12
CA SER A 60 0.65 -15.72 32.21
C SER A 60 -0.44 -15.19 33.14
N LEU A 61 -1.70 -15.20 32.69
CA LEU A 61 -2.80 -14.67 33.50
C LEU A 61 -3.78 -15.73 33.98
N ASP A 62 -3.87 -15.89 35.32
CA ASP A 62 -4.75 -16.89 35.91
C ASP A 62 -6.21 -16.48 35.85
N HIS A 63 -7.05 -17.44 35.52
CA HIS A 63 -8.49 -17.26 35.48
C HIS A 63 -9.08 -18.42 36.28
N THR A 64 -10.25 -18.21 36.88
CA THR A 64 -10.81 -19.30 37.66
C THR A 64 -11.75 -20.20 36.86
N SER A 65 -11.69 -20.09 35.54
CA SER A 65 -12.50 -20.94 34.66
C SER A 65 -11.86 -20.90 33.28
N VAL A 66 -12.34 -21.74 32.37
CA VAL A 66 -11.83 -21.81 31.00
C VAL A 66 -11.88 -20.43 30.32
N VAL A 67 -10.78 -20.06 29.64
CA VAL A 67 -10.76 -18.78 28.94
C VAL A 67 -11.27 -19.01 27.52
N CYS A 68 -12.49 -18.55 27.26
CA CYS A 68 -13.14 -18.74 25.96
C CYS A 68 -12.68 -17.82 24.85
N CYS A 69 -12.14 -16.67 25.21
CA CYS A 69 -11.74 -15.74 24.18
C CYS A 69 -10.80 -14.68 24.66
N VAL A 70 -9.94 -14.27 23.75
CA VAL A 70 -8.96 -13.25 24.02
C VAL A 70 -8.94 -12.34 22.81
N LYS A 71 -8.78 -11.04 23.03
CA LYS A 71 -8.75 -10.09 21.94
C LYS A 71 -8.02 -8.81 22.33
N PHE A 72 -7.22 -8.29 21.41
CA PHE A 72 -6.49 -7.06 21.71
C PHE A 72 -7.30 -5.87 21.25
N SER A 73 -7.04 -4.73 21.89
CA SER A 73 -7.69 -3.49 21.51
C SER A 73 -7.01 -3.14 20.17
N ASN A 74 -7.62 -2.24 19.42
CA ASN A 74 -7.11 -1.83 18.11
C ASN A 74 -5.67 -1.32 18.16
N ASP A 75 -5.35 -0.54 19.19
CA ASP A 75 -4.00 0.02 19.34
C ASP A 75 -2.99 -0.99 19.89
N GLY A 76 -3.46 -2.16 20.31
CA GLY A 76 -2.56 -3.17 20.84
C GLY A 76 -2.11 -2.97 22.27
N GLU A 77 -2.64 -1.95 22.93
CA GLU A 77 -2.25 -1.68 24.30
C GLU A 77 -3.01 -2.49 25.33
N TYR A 78 -4.16 -3.06 24.94
CA TYR A 78 -4.94 -3.84 25.90
C TYR A 78 -5.42 -5.21 25.42
N LEU A 79 -5.60 -6.11 26.37
CA LEU A 79 -6.07 -7.44 26.09
C LEU A 79 -7.29 -7.68 26.96
N ALA A 80 -8.36 -8.16 26.34
CA ALA A 80 -9.58 -8.49 27.05
C ALA A 80 -9.76 -9.99 26.98
N THR A 81 -10.17 -10.61 28.08
CA THR A 81 -10.42 -12.05 28.07
C THR A 81 -11.81 -12.23 28.60
N GLY A 82 -12.40 -13.36 28.23
CA GLY A 82 -13.73 -13.68 28.66
C GLY A 82 -13.67 -15.08 29.20
N CYS A 83 -14.36 -15.32 30.31
CA CYS A 83 -14.41 -16.64 30.92
C CYS A 83 -15.81 -16.79 31.54
N ASN A 84 -15.92 -17.58 32.58
CA ASN A 84 -17.20 -17.78 33.22
C ASN A 84 -17.62 -16.56 34.05
N LYS A 85 -18.74 -15.97 33.67
CA LYS A 85 -19.32 -14.81 34.35
C LYS A 85 -18.59 -13.46 34.27
N THR A 86 -17.26 -13.47 34.33
CA THR A 86 -16.51 -12.21 34.25
C THR A 86 -15.71 -12.00 32.96
N THR A 87 -15.53 -10.73 32.61
CA THR A 87 -14.76 -10.31 31.44
C THR A 87 -13.65 -9.45 32.05
N GLN A 88 -12.43 -9.56 31.54
CA GLN A 88 -11.37 -8.74 32.10
C GLN A 88 -10.49 -8.04 31.07
N VAL A 89 -9.99 -6.88 31.51
CA VAL A 89 -9.11 -6.05 30.69
C VAL A 89 -7.73 -5.96 31.34
N TYR A 90 -6.69 -6.26 30.58
CA TYR A 90 -5.31 -6.21 31.06
C TYR A 90 -4.44 -5.26 30.23
N ARG A 91 -3.48 -4.63 30.88
CA ARG A 91 -2.54 -3.74 30.20
C ARG A 91 -1.47 -4.72 29.68
N VAL A 92 -1.28 -4.73 28.38
CA VAL A 92 -0.33 -5.61 27.74
C VAL A 92 1.14 -5.48 28.16
N SER A 93 1.64 -4.23 28.20
CA SER A 93 3.03 -3.99 28.54
C SER A 93 3.50 -4.65 29.84
N ASP A 94 2.69 -4.59 30.89
CA ASP A 94 3.09 -5.17 32.16
C ASP A 94 2.11 -6.21 32.69
N GLY A 95 1.14 -6.58 31.87
CA GLY A 95 0.15 -7.56 32.25
C GLY A 95 -0.73 -7.22 33.45
N SER A 96 -0.80 -5.94 33.84
CA SER A 96 -1.61 -5.56 34.99
C SER A 96 -3.11 -5.53 34.70
N LEU A 97 -3.88 -5.91 35.73
CA LEU A 97 -5.33 -5.93 35.64
C LEU A 97 -5.89 -4.53 35.74
N VAL A 98 -6.53 -4.09 34.66
CA VAL A 98 -7.13 -2.77 34.57
C VAL A 98 -8.56 -2.80 35.06
N ALA A 99 -9.29 -3.86 34.72
CA ALA A 99 -10.68 -3.97 35.17
C ALA A 99 -11.28 -5.36 34.99
N ARG A 100 -12.12 -5.76 35.94
CA ARG A 100 -12.81 -7.02 35.86
C ARG A 100 -14.28 -6.63 35.89
N LEU A 101 -14.99 -6.93 34.80
CA LEU A 101 -16.39 -6.56 34.66
C LEU A 101 -17.34 -7.72 34.87
N SER A 102 -18.34 -7.49 35.68
CA SER A 102 -19.33 -8.52 35.98
C SER A 102 -20.69 -7.87 36.14
N ASP A 103 -21.70 -8.46 35.53
CA ASP A 103 -23.05 -7.91 35.62
C ASP A 103 -23.71 -8.39 36.90
N SER A 121 -30.20 -20.07 38.54
CA SER A 121 -29.23 -20.66 37.62
C SER A 121 -27.82 -20.12 37.89
N SER A 122 -26.80 -20.91 37.58
CA SER A 122 -25.41 -20.50 37.81
C SER A 122 -24.56 -20.85 36.58
N ASP A 123 -23.42 -20.18 36.43
CA ASP A 123 -22.53 -20.41 35.30
C ASP A 123 -23.03 -19.79 33.99
N LEU A 124 -22.51 -18.63 33.66
CA LEU A 124 -22.87 -17.91 32.43
C LEU A 124 -21.58 -17.45 31.80
N TYR A 125 -21.11 -18.23 30.84
CA TYR A 125 -19.86 -17.93 30.15
C TYR A 125 -19.97 -16.78 29.14
N ILE A 126 -18.89 -16.00 29.07
CA ILE A 126 -18.77 -14.90 28.13
C ILE A 126 -18.01 -15.54 26.97
N ARG A 127 -18.74 -15.87 25.91
CA ARG A 127 -18.18 -16.55 24.73
C ARG A 127 -17.35 -15.68 23.79
N SER A 128 -17.69 -14.41 23.70
CA SER A 128 -16.93 -13.54 22.82
C SER A 128 -16.82 -12.12 23.34
N VAL A 129 -15.67 -11.50 23.07
CA VAL A 129 -15.45 -10.13 23.47
C VAL A 129 -14.84 -9.36 22.31
N CYS A 130 -15.04 -8.06 22.28
CA CYS A 130 -14.45 -7.24 21.24
C CYS A 130 -14.42 -5.78 21.65
N PHE A 131 -13.27 -5.14 21.46
CA PHE A 131 -13.14 -3.73 21.78
C PHE A 131 -13.70 -2.95 20.59
N SER A 132 -14.23 -1.75 20.88
CA SER A 132 -14.72 -0.86 19.82
C SER A 132 -13.42 -0.29 19.24
N PRO A 133 -13.44 0.20 17.98
CA PRO A 133 -12.24 0.75 17.34
C PRO A 133 -11.45 1.78 18.17
N ASP A 134 -12.14 2.63 18.92
CA ASP A 134 -11.44 3.64 19.71
C ASP A 134 -11.02 3.17 21.10
N GLY A 135 -11.25 1.89 21.39
CA GLY A 135 -10.86 1.31 22.68
C GLY A 135 -11.60 1.78 23.91
N LYS A 136 -12.70 2.50 23.76
CA LYS A 136 -13.41 2.96 24.95
C LYS A 136 -14.47 1.96 25.40
N PHE A 137 -15.00 1.20 24.46
CA PHE A 137 -16.04 0.23 24.78
C PHE A 137 -15.65 -1.22 24.54
N LEU A 138 -16.30 -2.10 25.28
CA LEU A 138 -16.06 -3.53 25.15
C LEU A 138 -17.40 -4.25 24.99
N ALA A 139 -17.56 -4.96 23.89
CA ALA A 139 -18.80 -5.70 23.67
C ALA A 139 -18.57 -7.14 24.10
N THR A 140 -19.55 -7.71 24.79
CA THR A 140 -19.47 -9.11 25.23
C THR A 140 -20.72 -9.87 24.83
N GLY A 141 -20.53 -11.14 24.50
CA GLY A 141 -21.63 -12.01 24.13
C GLY A 141 -21.65 -13.16 25.13
N ALA A 142 -22.77 -13.36 25.82
CA ALA A 142 -22.85 -14.42 26.82
C ALA A 142 -23.91 -15.46 26.48
N GLU A 143 -23.98 -16.49 27.32
CA GLU A 143 -24.93 -17.57 27.14
C GLU A 143 -26.36 -17.21 27.51
N ASP A 144 -26.55 -16.02 28.08
CA ASP A 144 -27.90 -15.60 28.43
C ASP A 144 -28.53 -14.94 27.20
N ARG A 145 -27.88 -15.07 26.05
CA ARG A 145 -28.38 -14.52 24.79
C ARG A 145 -28.31 -13.00 24.69
N LEU A 146 -27.60 -12.38 25.62
CA LEU A 146 -27.49 -10.94 25.59
C LEU A 146 -26.12 -10.45 25.13
N ILE A 147 -26.11 -9.29 24.49
CA ILE A 147 -24.89 -8.65 24.07
C ILE A 147 -24.82 -7.39 24.93
N ARG A 148 -23.76 -7.27 25.72
CA ARG A 148 -23.58 -6.10 26.57
C ARG A 148 -22.43 -5.25 26.08
N ILE A 149 -22.62 -3.94 26.09
CA ILE A 149 -21.59 -3.01 25.68
C ILE A 149 -21.14 -2.29 26.93
N TRP A 150 -19.88 -2.50 27.32
CA TRP A 150 -19.34 -1.86 28.52
C TRP A 150 -18.49 -0.63 28.26
N ASP A 151 -18.69 0.36 29.12
CA ASP A 151 -17.91 1.59 29.10
C ASP A 151 -16.78 1.16 30.03
N ILE A 152 -15.59 0.95 29.47
CA ILE A 152 -14.47 0.48 30.28
C ILE A 152 -14.04 1.45 31.38
N GLU A 153 -13.87 2.71 30.98
CA GLU A 153 -13.46 3.79 31.88
C GLU A 153 -14.34 3.80 33.12
N ASN A 154 -15.65 3.93 32.91
CA ASN A 154 -16.59 3.99 34.02
C ASN A 154 -17.17 2.68 34.49
N ARG A 155 -16.64 1.56 33.99
CA ARG A 155 -17.08 0.22 34.38
C ARG A 155 -18.61 0.09 34.50
N LYS A 156 -19.33 0.51 33.47
CA LYS A 156 -20.78 0.43 33.48
C LYS A 156 -21.33 0.00 32.13
N ILE A 157 -22.42 -0.78 32.15
CA ILE A 157 -23.03 -1.22 30.90
C ILE A 157 -23.83 -0.05 30.33
N VAL A 158 -23.52 0.36 29.10
CA VAL A 158 -24.25 1.47 28.50
C VAL A 158 -25.30 1.06 27.48
N MET A 159 -25.33 -0.22 27.13
CA MET A 159 -26.32 -0.70 26.18
C MET A 159 -26.42 -2.22 26.17
N ILE A 160 -27.64 -2.73 26.05
CA ILE A 160 -27.86 -4.17 26.01
C ILE A 160 -28.61 -4.48 24.73
N LEU A 161 -28.06 -5.40 23.93
CA LEU A 161 -28.69 -5.79 22.68
C LEU A 161 -29.39 -7.15 22.86
N GLN A 162 -30.71 -7.14 22.67
CA GLN A 162 -31.53 -8.34 22.83
C GLN A 162 -32.17 -8.77 21.52
N GLY A 163 -32.30 -10.08 21.34
CA GLY A 163 -32.90 -10.58 20.11
C GLY A 163 -32.49 -11.99 19.76
N HIS A 164 -31.23 -12.34 20.03
CA HIS A 164 -30.76 -13.69 19.73
C HIS A 164 -31.54 -14.73 20.53
N GLU A 165 -31.66 -15.93 19.96
CA GLU A 165 -32.40 -17.00 20.62
C GLU A 165 -31.55 -18.18 21.09
N GLN A 166 -30.23 -17.99 21.12
CA GLN A 166 -29.29 -19.00 21.60
C GLN A 166 -27.98 -18.32 21.91
N ASP A 167 -27.02 -19.10 22.41
CA ASP A 167 -25.73 -18.55 22.76
C ASP A 167 -25.11 -17.73 21.65
N ILE A 168 -24.47 -16.63 22.05
CA ILE A 168 -23.77 -15.77 21.12
C ILE A 168 -22.32 -16.26 21.11
N TYR A 169 -21.88 -16.81 19.98
CA TYR A 169 -20.53 -17.35 19.86
C TYR A 169 -19.46 -16.40 19.34
N SER A 170 -19.88 -15.32 18.68
CA SER A 170 -18.90 -14.40 18.10
C SER A 170 -19.47 -13.01 17.84
N LEU A 171 -18.60 -12.02 18.00
CA LEU A 171 -18.93 -10.61 17.81
C LEU A 171 -17.75 -9.96 17.15
N ASP A 172 -18.01 -8.89 16.41
CA ASP A 172 -16.96 -8.10 15.76
C ASP A 172 -17.52 -6.73 15.42
N TYR A 173 -16.75 -5.69 15.70
CA TYR A 173 -17.17 -4.32 15.40
C TYR A 173 -16.87 -3.94 13.96
N PHE A 174 -17.66 -3.03 13.41
CA PHE A 174 -17.41 -2.51 12.09
C PHE A 174 -16.37 -1.41 12.35
N PRO A 175 -15.44 -1.18 11.40
CA PRO A 175 -14.40 -0.16 11.56
C PRO A 175 -14.92 1.21 11.97
N SER A 176 -16.12 1.54 11.51
CA SER A 176 -16.71 2.85 11.79
C SER A 176 -17.16 3.01 13.24
N GLY A 177 -17.25 1.90 13.97
CA GLY A 177 -17.64 1.97 15.37
C GLY A 177 -19.12 2.16 15.69
N ASP A 178 -19.98 2.29 14.69
CA ASP A 178 -21.41 2.47 14.98
C ASP A 178 -22.27 1.24 14.68
N LYS A 179 -21.64 0.15 14.30
CA LYS A 179 -22.34 -1.10 14.01
C LYS A 179 -21.58 -2.29 14.57
N LEU A 180 -22.32 -3.34 14.87
CA LEU A 180 -21.75 -4.54 15.44
C LEU A 180 -22.39 -5.76 14.79
N VAL A 181 -21.59 -6.78 14.52
CA VAL A 181 -22.13 -7.98 13.95
C VAL A 181 -21.96 -9.13 14.97
N SER A 182 -22.96 -9.99 15.06
CA SER A 182 -22.93 -11.12 15.99
C SER A 182 -23.34 -12.42 15.30
N GLY A 183 -22.82 -13.53 15.83
CA GLY A 183 -23.09 -14.86 15.30
C GLY A 183 -23.64 -15.73 16.44
N SER A 184 -24.69 -16.49 16.18
CA SER A 184 -25.30 -17.31 17.22
C SER A 184 -25.72 -18.73 16.82
N GLY A 185 -25.91 -19.55 17.85
CA GLY A 185 -26.36 -20.92 17.67
C GLY A 185 -27.79 -20.91 17.17
N ASP A 186 -28.45 -19.75 17.17
CA ASP A 186 -29.82 -19.68 16.67
C ASP A 186 -29.83 -19.59 15.16
N ARG A 187 -28.68 -19.88 14.55
CA ARG A 187 -28.58 -19.86 13.08
C ARG A 187 -28.67 -18.50 12.38
N THR A 188 -28.39 -17.42 13.11
CA THR A 188 -28.45 -16.11 12.48
C THR A 188 -27.18 -15.28 12.69
N VAL A 189 -27.00 -14.32 11.79
CA VAL A 189 -25.91 -13.38 11.86
C VAL A 189 -26.69 -12.07 11.91
N ARG A 190 -26.42 -11.24 12.90
CA ARG A 190 -27.14 -9.99 12.99
C ARG A 190 -26.24 -8.77 13.02
N ILE A 191 -26.72 -7.71 12.39
CA ILE A 191 -26.01 -6.45 12.35
C ILE A 191 -26.81 -5.49 13.22
N TRP A 192 -26.13 -4.92 14.21
CA TRP A 192 -26.76 -4.00 15.15
C TRP A 192 -26.32 -2.56 14.96
N ASP A 193 -27.29 -1.66 14.97
CA ASP A 193 -27.02 -0.24 14.84
C ASP A 193 -26.78 0.29 16.25
N LEU A 194 -25.53 0.62 16.58
CA LEU A 194 -25.23 1.10 17.93
C LEU A 194 -25.73 2.52 18.19
N ARG A 195 -26.15 3.21 17.13
CA ARG A 195 -26.65 4.56 17.28
C ARG A 195 -28.09 4.46 17.77
N THR A 196 -28.84 3.50 17.21
CA THR A 196 -30.25 3.29 17.56
C THR A 196 -30.50 2.06 18.44
N GLY A 197 -29.42 1.40 18.84
CA GLY A 197 -29.54 0.22 19.69
C GLY A 197 -30.46 -0.86 19.17
N GLN A 198 -30.75 -0.84 17.88
CA GLN A 198 -31.63 -1.84 17.28
C GLN A 198 -30.95 -2.76 16.28
N CYS A 199 -31.56 -3.91 16.05
CA CYS A 199 -31.05 -4.89 15.09
C CYS A 199 -31.45 -4.38 13.71
N SER A 200 -30.45 -4.00 12.91
CA SER A 200 -30.69 -3.47 11.57
C SER A 200 -30.88 -4.54 10.50
N LEU A 201 -30.26 -5.69 10.68
CA LEU A 201 -30.38 -6.75 9.70
C LEU A 201 -30.18 -8.13 10.30
N THR A 202 -30.95 -9.09 9.81
CA THR A 202 -30.88 -10.46 10.27
C THR A 202 -30.68 -11.40 9.09
N LEU A 203 -29.58 -12.11 9.10
CA LEU A 203 -29.28 -13.08 8.03
C LEU A 203 -29.48 -14.45 8.65
N SER A 204 -30.30 -15.27 8.00
CA SER A 204 -30.58 -16.62 8.48
C SER A 204 -29.97 -17.69 7.61
N ILE A 205 -29.34 -18.68 8.22
CA ILE A 205 -28.79 -19.78 7.43
C ILE A 205 -29.35 -21.06 8.02
N GLU A 206 -28.90 -22.21 7.53
CA GLU A 206 -29.44 -23.50 7.96
C GLU A 206 -28.93 -24.08 9.27
N ASP A 207 -27.68 -23.76 9.63
CA ASP A 207 -27.10 -24.31 10.84
C ASP A 207 -26.49 -23.20 11.71
N GLY A 208 -26.00 -23.61 12.88
CA GLY A 208 -25.42 -22.66 13.81
C GLY A 208 -24.21 -21.90 13.30
N VAL A 209 -24.10 -20.65 13.73
CA VAL A 209 -23.01 -19.76 13.36
C VAL A 209 -22.03 -19.75 14.51
N THR A 210 -20.78 -20.08 14.22
CA THR A 210 -19.75 -20.18 15.24
C THR A 210 -18.75 -19.04 15.27
N THR A 211 -18.67 -18.26 14.19
CA THR A 211 -17.69 -17.21 14.09
C THR A 211 -18.10 -16.20 13.03
N VAL A 212 -17.79 -14.92 13.25
CA VAL A 212 -18.11 -13.86 12.31
C VAL A 212 -16.92 -12.92 12.23
N ALA A 213 -16.79 -12.24 11.10
CA ALA A 213 -15.70 -11.30 10.91
C ALA A 213 -16.12 -10.16 9.98
N VAL A 214 -15.58 -8.97 10.23
CA VAL A 214 -15.87 -7.82 9.38
C VAL A 214 -14.61 -7.56 8.54
N SER A 215 -14.76 -7.28 7.24
CA SER A 215 -13.60 -7.02 6.41
C SER A 215 -12.97 -5.72 6.91
N PRO A 216 -11.63 -5.62 6.88
CA PRO A 216 -10.94 -4.41 7.35
C PRO A 216 -11.13 -3.20 6.45
N GLY A 217 -10.85 -2.02 7.02
CA GLY A 217 -10.97 -0.78 6.27
C GLY A 217 -12.36 -0.18 6.21
N ASP A 218 -13.13 -0.58 5.21
CA ASP A 218 -14.48 -0.04 5.05
C ASP A 218 -15.57 -0.95 5.62
N GLY A 219 -15.25 -2.20 5.91
CA GLY A 219 -16.23 -3.13 6.44
C GLY A 219 -17.31 -3.44 5.42
N LYS A 220 -16.91 -3.54 4.16
CA LYS A 220 -17.86 -3.81 3.08
C LYS A 220 -18.40 -5.25 3.12
N TYR A 221 -17.60 -6.17 3.66
CA TYR A 221 -18.03 -7.55 3.73
C TYR A 221 -18.03 -8.19 5.11
N ILE A 222 -18.94 -9.14 5.29
CA ILE A 222 -19.01 -9.86 6.54
C ILE A 222 -18.88 -11.32 6.18
N ALA A 223 -18.09 -12.04 6.95
CA ALA A 223 -17.92 -13.46 6.73
C ALA A 223 -18.40 -14.19 7.98
N ALA A 224 -18.89 -15.42 7.79
CA ALA A 224 -19.35 -16.23 8.91
C ALA A 224 -18.99 -17.67 8.66
N GLY A 225 -18.53 -18.35 9.71
CA GLY A 225 -18.19 -19.76 9.62
C GLY A 225 -19.42 -20.46 10.18
N SER A 226 -19.70 -21.66 9.68
CA SER A 226 -20.88 -22.34 10.14
C SER A 226 -20.68 -23.82 10.44
N LEU A 227 -21.57 -24.37 11.30
CA LEU A 227 -21.51 -25.78 11.66
C LEU A 227 -21.69 -26.67 10.43
N ASP A 228 -22.29 -26.13 9.37
CA ASP A 228 -22.51 -26.88 8.14
C ASP A 228 -21.30 -26.94 7.18
N ARG A 229 -20.09 -26.70 7.70
CA ARG A 229 -18.87 -26.79 6.89
C ARG A 229 -18.59 -25.68 5.90
N ALA A 230 -19.46 -24.69 5.82
CA ALA A 230 -19.24 -23.60 4.85
C ALA A 230 -18.81 -22.28 5.46
N VAL A 231 -18.28 -21.42 4.61
CA VAL A 231 -17.90 -20.08 5.01
C VAL A 231 -18.70 -19.21 4.06
N ARG A 232 -19.46 -18.27 4.60
CA ARG A 232 -20.26 -17.39 3.76
C ARG A 232 -19.79 -15.94 3.88
N VAL A 233 -19.89 -15.21 2.77
CA VAL A 233 -19.51 -13.80 2.75
C VAL A 233 -20.66 -12.99 2.19
N TRP A 234 -21.10 -11.99 2.94
CA TRP A 234 -22.21 -11.13 2.53
C TRP A 234 -21.73 -9.70 2.34
N ASP A 235 -22.42 -8.99 1.45
CA ASP A 235 -22.17 -7.58 1.21
C ASP A 235 -22.87 -6.96 2.44
N SER A 236 -22.13 -6.29 3.30
CA SER A 236 -22.75 -5.77 4.52
C SER A 236 -23.92 -4.77 4.41
N GLU A 237 -23.97 -3.98 3.35
CA GLU A 237 -25.05 -3.00 3.22
C GLU A 237 -26.36 -3.60 2.68
N THR A 238 -26.24 -4.55 1.76
CA THR A 238 -27.41 -5.18 1.16
C THR A 238 -27.86 -6.48 1.78
N GLY A 239 -26.93 -7.20 2.41
CA GLY A 239 -27.30 -8.47 3.01
C GLY A 239 -27.29 -9.58 1.98
N PHE A 240 -26.85 -9.27 0.76
CA PHE A 240 -26.79 -10.27 -0.30
C PHE A 240 -25.55 -11.14 -0.11
N LEU A 241 -25.74 -12.44 -0.30
CA LEU A 241 -24.66 -13.41 -0.16
C LEU A 241 -23.81 -13.24 -1.40
N VAL A 242 -22.54 -12.92 -1.21
CA VAL A 242 -21.66 -12.72 -2.34
C VAL A 242 -20.82 -13.94 -2.66
N GLU A 243 -20.53 -14.74 -1.65
CA GLU A 243 -19.72 -15.93 -1.82
C GLU A 243 -20.04 -17.01 -0.79
N ARG A 244 -19.99 -18.26 -1.23
CA ARG A 244 -20.24 -19.39 -0.35
C ARG A 244 -19.17 -20.43 -0.61
N LEU A 245 -18.24 -20.58 0.34
CA LEU A 245 -17.16 -21.54 0.21
C LEU A 245 -17.45 -22.91 0.86
N ASP A 246 -17.76 -23.94 0.08
CA ASP A 246 -18.01 -25.26 0.68
C ASP A 246 -18.09 -26.40 -0.33
N THR A 253 -12.14 -29.14 -2.15
CA THR A 253 -11.27 -28.33 -1.32
C THR A 253 -11.98 -27.69 -0.13
N GLY A 254 -13.27 -27.96 0.03
CA GLY A 254 -14.00 -27.41 1.15
C GLY A 254 -13.73 -28.18 2.44
N HIS A 255 -14.07 -27.58 3.58
CA HIS A 255 -13.84 -28.26 4.86
C HIS A 255 -14.69 -29.53 4.97
N LYS A 256 -14.18 -30.51 5.72
CA LYS A 256 -14.88 -31.78 5.88
C LYS A 256 -15.66 -31.86 7.18
N ASP A 257 -15.59 -30.81 7.98
CA ASP A 257 -16.32 -30.76 9.24
C ASP A 257 -16.58 -29.28 9.56
N SER A 258 -17.29 -29.05 10.66
CA SER A 258 -17.65 -27.70 11.07
C SER A 258 -16.53 -26.67 11.15
N VAL A 259 -16.85 -25.46 10.72
CA VAL A 259 -15.88 -24.38 10.77
C VAL A 259 -16.06 -23.66 12.09
N TYR A 260 -14.97 -23.40 12.80
CA TYR A 260 -15.04 -22.74 14.11
C TYR A 260 -14.42 -21.36 14.22
N SER A 261 -13.67 -20.95 13.20
CA SER A 261 -13.06 -19.64 13.21
C SER A 261 -12.77 -19.12 11.78
N VAL A 262 -12.95 -17.83 11.59
CA VAL A 262 -12.69 -17.18 10.32
C VAL A 262 -12.28 -15.75 10.60
N VAL A 263 -11.37 -15.24 9.77
CA VAL A 263 -10.90 -13.85 9.87
C VAL A 263 -10.55 -13.46 8.44
N PHE A 264 -10.52 -12.17 8.17
CA PHE A 264 -10.11 -11.71 6.86
C PHE A 264 -8.60 -11.47 6.97
N THR A 265 -7.89 -11.52 5.85
CA THR A 265 -6.48 -11.23 5.89
C THR A 265 -6.49 -9.72 6.01
N ARG A 266 -5.42 -9.12 6.53
CA ARG A 266 -5.41 -7.67 6.71
C ARG A 266 -5.53 -6.83 5.44
N ASP A 267 -5.30 -7.44 4.29
CA ASP A 267 -5.43 -6.71 3.04
C ASP A 267 -6.88 -6.79 2.55
N GLY A 268 -7.71 -7.48 3.33
CA GLY A 268 -9.11 -7.64 2.98
C GLY A 268 -9.40 -8.47 1.72
N GLN A 269 -8.37 -9.08 1.16
CA GLN A 269 -8.52 -9.86 -0.07
C GLN A 269 -8.86 -11.34 0.12
N SER A 270 -8.57 -11.89 1.30
CA SER A 270 -8.84 -13.30 1.53
C SER A 270 -9.48 -13.59 2.89
N VAL A 271 -9.90 -14.84 3.05
CA VAL A 271 -10.50 -15.30 4.28
C VAL A 271 -9.70 -16.51 4.73
N VAL A 272 -9.50 -16.63 6.03
CA VAL A 272 -8.77 -17.77 6.59
C VAL A 272 -9.75 -18.46 7.51
N SER A 273 -9.88 -19.77 7.36
CA SER A 273 -10.81 -20.51 8.16
C SER A 273 -10.17 -21.71 8.88
N GLY A 274 -10.63 -21.95 10.10
CA GLY A 274 -10.17 -23.08 10.90
C GLY A 274 -11.32 -24.04 11.12
N SER A 275 -11.08 -25.33 11.00
CA SER A 275 -12.14 -26.31 11.14
C SER A 275 -11.81 -27.52 12.03
N LEU A 276 -12.87 -28.22 12.46
CA LEU A 276 -12.75 -29.42 13.27
C LEU A 276 -12.16 -30.54 12.41
N ASP A 277 -12.10 -30.32 11.09
CA ASP A 277 -11.51 -31.35 10.22
C ASP A 277 -9.98 -31.31 10.33
N ARG A 278 -9.49 -30.50 11.27
CA ARG A 278 -8.07 -30.36 11.58
C ARG A 278 -7.23 -29.54 10.61
N SER A 279 -7.90 -28.82 9.71
CA SER A 279 -7.18 -28.01 8.75
C SER A 279 -7.51 -26.55 8.87
N VAL A 280 -6.63 -25.74 8.30
CA VAL A 280 -6.82 -24.30 8.21
C VAL A 280 -6.87 -24.08 6.70
N LYS A 281 -7.64 -23.11 6.23
CA LYS A 281 -7.67 -22.87 4.78
C LYS A 281 -7.58 -21.38 4.43
N LEU A 282 -6.89 -21.08 3.32
CA LEU A 282 -6.77 -19.71 2.84
C LEU A 282 -7.66 -19.65 1.60
N TRP A 283 -8.63 -18.74 1.60
CA TRP A 283 -9.54 -18.61 0.47
C TRP A 283 -9.36 -17.27 -0.23
N ASN A 284 -9.24 -17.31 -1.56
CA ASN A 284 -9.10 -16.08 -2.35
C ASN A 284 -10.51 -15.66 -2.75
N LEU A 285 -10.90 -14.43 -2.46
CA LEU A 285 -12.24 -13.96 -2.80
C LEU A 285 -12.34 -13.49 -4.25
N THR A 301 -12.53 -19.65 -4.01
CA THR A 301 -11.56 -20.70 -4.33
C THR A 301 -10.50 -20.86 -3.23
N CYS A 302 -10.17 -22.12 -2.91
CA CYS A 302 -9.19 -22.44 -1.87
C CYS A 302 -7.74 -22.51 -2.38
N GLU A 303 -6.94 -21.52 -2.00
CA GLU A 303 -5.54 -21.44 -2.42
C GLU A 303 -4.61 -22.34 -1.60
N VAL A 304 -4.79 -22.38 -0.29
CA VAL A 304 -3.93 -23.21 0.56
C VAL A 304 -4.67 -23.93 1.69
N THR A 305 -4.33 -25.20 1.87
CA THR A 305 -4.88 -26.00 2.97
C THR A 305 -3.65 -26.35 3.80
N TYR A 306 -3.58 -25.77 4.99
CA TYR A 306 -2.46 -26.01 5.88
C TYR A 306 -2.75 -27.28 6.70
N ILE A 307 -1.86 -28.26 6.56
CA ILE A 307 -2.03 -29.53 7.25
C ILE A 307 -0.92 -29.70 8.32
N GLY A 308 -1.31 -30.09 9.53
CA GLY A 308 -0.33 -30.27 10.59
C GLY A 308 -0.90 -30.56 11.96
N HIS A 309 -2.03 -29.94 12.28
CA HIS A 309 -2.67 -30.15 13.58
C HIS A 309 -3.19 -31.56 13.69
N LYS A 310 -3.12 -32.11 14.90
CA LYS A 310 -3.54 -33.48 15.19
C LYS A 310 -4.97 -33.55 15.78
N ASP A 311 -5.60 -32.41 15.97
CA ASP A 311 -6.94 -32.40 16.51
C ASP A 311 -7.67 -31.16 16.00
N PHE A 312 -8.89 -30.93 16.49
CA PHE A 312 -9.70 -29.78 16.11
C PHE A 312 -8.95 -28.46 16.04
N VAL A 313 -9.17 -27.70 14.97
CA VAL A 313 -8.58 -26.38 14.89
C VAL A 313 -9.72 -25.48 15.40
N LEU A 314 -9.43 -24.71 16.42
CA LEU A 314 -10.45 -23.87 17.04
C LEU A 314 -10.35 -22.35 16.85
N SER A 315 -9.19 -21.87 16.41
CA SER A 315 -9.01 -20.44 16.25
C SER A 315 -7.86 -20.11 15.31
N VAL A 316 -8.04 -19.08 14.50
CA VAL A 316 -7.00 -18.67 13.57
C VAL A 316 -6.86 -17.15 13.63
N ALA A 317 -5.72 -16.65 13.18
CA ALA A 317 -5.44 -15.22 13.15
C ALA A 317 -4.28 -15.06 12.19
N THR A 318 -4.04 -13.83 11.73
CA THR A 318 -2.90 -13.59 10.87
C THR A 318 -2.08 -12.46 11.48
N THR A 319 -0.77 -12.53 11.31
CA THR A 319 0.15 -11.50 11.81
C THR A 319 0.14 -10.30 10.85
N GLN A 320 0.82 -9.21 11.19
CA GLN A 320 0.84 -8.04 10.30
C GLN A 320 1.44 -8.37 8.93
N ASN A 321 0.94 -7.70 7.90
CA ASN A 321 1.40 -7.95 6.53
C ASN A 321 0.98 -9.34 6.08
N ASP A 322 0.31 -10.07 6.96
CA ASP A 322 -0.17 -11.42 6.65
C ASP A 322 0.95 -12.41 6.31
N GLU A 323 2.15 -12.14 6.81
CA GLU A 323 3.27 -13.03 6.55
C GLU A 323 3.00 -14.41 7.17
N TYR A 324 2.43 -14.46 8.36
CA TYR A 324 2.18 -15.74 9.00
C TYR A 324 0.73 -15.94 9.43
N ILE A 325 0.33 -17.20 9.53
CA ILE A 325 -1.01 -17.53 10.00
C ILE A 325 -0.80 -18.31 11.29
N LEU A 326 -1.52 -17.95 12.35
CA LEU A 326 -1.40 -18.67 13.62
C LEU A 326 -2.69 -19.44 13.86
N SER A 327 -2.59 -20.68 14.33
CA SER A 327 -3.77 -21.47 14.61
C SER A 327 -3.66 -22.13 15.98
N GLY A 328 -4.77 -22.16 16.69
CA GLY A 328 -4.81 -22.77 18.01
C GLY A 328 -5.65 -24.01 17.89
N SER A 329 -5.25 -25.09 18.57
CA SER A 329 -5.97 -26.33 18.43
C SER A 329 -6.23 -27.07 19.72
N LYS A 330 -7.12 -28.04 19.64
CA LYS A 330 -7.45 -28.89 20.77
C LYS A 330 -6.22 -29.74 21.07
N ASP A 331 -5.27 -29.78 20.14
CA ASP A 331 -4.06 -30.56 20.40
C ASP A 331 -3.14 -29.79 21.35
N ARG A 332 -3.67 -28.70 21.94
CA ARG A 332 -2.96 -27.89 22.92
C ARG A 332 -1.82 -27.03 22.36
N GLY A 333 -1.64 -27.08 21.04
CA GLY A 333 -0.60 -26.28 20.42
C GLY A 333 -1.06 -25.10 19.58
N VAL A 334 -0.10 -24.26 19.25
CA VAL A 334 -0.33 -23.14 18.37
C VAL A 334 0.68 -23.35 17.25
N LEU A 335 0.19 -23.38 16.01
CA LEU A 335 1.11 -23.52 14.87
C LEU A 335 1.28 -22.18 14.16
N PHE A 336 2.51 -21.95 13.71
CA PHE A 336 2.88 -20.74 12.97
C PHE A 336 3.02 -21.25 11.55
N TRP A 337 2.29 -20.66 10.61
CA TRP A 337 2.39 -21.12 9.23
C TRP A 337 2.89 -20.02 8.34
N ASP A 338 3.74 -20.39 7.39
CA ASP A 338 4.21 -19.44 6.39
C ASP A 338 2.98 -19.41 5.46
N LYS A 339 2.28 -18.30 5.43
CA LYS A 339 1.06 -18.17 4.63
C LYS A 339 1.18 -18.60 3.17
N LYS A 340 2.23 -18.14 2.50
CA LYS A 340 2.43 -18.44 1.10
C LYS A 340 2.70 -19.90 0.72
N SER A 341 3.62 -20.55 1.41
CA SER A 341 3.95 -21.93 1.09
C SER A 341 3.09 -22.98 1.77
N GLY A 342 2.51 -22.65 2.91
CA GLY A 342 1.69 -23.61 3.63
C GLY A 342 2.52 -24.46 4.58
N ASN A 343 3.83 -24.23 4.62
CA ASN A 343 4.70 -24.99 5.52
C ASN A 343 4.56 -24.55 6.98
N PRO A 344 4.48 -25.52 7.89
CA PRO A 344 4.37 -25.10 9.30
C PRO A 344 5.79 -24.73 9.74
N LEU A 345 5.97 -23.59 10.38
CA LEU A 345 7.32 -23.16 10.83
C LEU A 345 7.69 -23.69 12.21
N LEU A 346 6.72 -23.67 13.13
CA LEU A 346 6.99 -24.13 14.50
C LEU A 346 5.72 -24.36 15.29
N MET A 347 5.78 -25.34 16.19
CA MET A 347 4.63 -25.59 17.03
C MET A 347 4.94 -25.18 18.45
N LEU A 348 4.08 -24.33 19.00
CA LEU A 348 4.25 -23.89 20.36
C LEU A 348 3.32 -24.66 21.27
N GLN A 349 3.89 -25.40 22.21
CA GLN A 349 3.09 -26.13 23.20
C GLN A 349 3.20 -25.31 24.49
N GLY A 350 2.24 -24.43 24.74
CA GLY A 350 2.33 -23.61 25.93
C GLY A 350 1.13 -23.65 26.86
N HIS A 351 0.35 -24.71 26.77
CA HIS A 351 -0.84 -24.85 27.59
C HIS A 351 -1.04 -26.32 27.94
N ARG A 352 -1.78 -26.60 29.01
CA ARG A 352 -2.01 -27.99 29.40
C ARG A 352 -3.34 -28.51 28.91
N ASN A 353 -3.99 -27.72 28.08
CA ASN A 353 -5.27 -28.09 27.52
C ASN A 353 -5.50 -27.33 26.19
N SER A 354 -6.68 -27.50 25.62
CA SER A 354 -7.06 -26.87 24.36
C SER A 354 -6.82 -25.36 24.23
N VAL A 355 -6.25 -24.97 23.09
CA VAL A 355 -6.04 -23.55 22.84
C VAL A 355 -7.36 -23.19 22.14
N ILE A 356 -8.22 -22.50 22.86
CA ILE A 356 -9.54 -22.15 22.38
C ILE A 356 -9.61 -20.87 21.56
N SER A 357 -8.70 -19.95 21.83
CA SER A 357 -8.70 -18.67 21.16
C SER A 357 -7.27 -18.14 20.98
N VAL A 358 -7.04 -17.54 19.82
CA VAL A 358 -5.76 -16.95 19.48
C VAL A 358 -6.04 -15.56 18.92
N ALA A 359 -5.26 -14.58 19.38
CA ALA A 359 -5.41 -13.23 18.91
C ALA A 359 -4.04 -12.64 18.64
N VAL A 360 -3.96 -11.74 17.66
CA VAL A 360 -2.71 -11.08 17.31
C VAL A 360 -2.89 -9.59 17.54
N ALA A 361 -1.85 -8.95 18.05
CA ALA A 361 -1.92 -7.52 18.33
C ALA A 361 -1.42 -6.66 17.21
N ASN A 362 -1.99 -5.45 17.15
CA ASN A 362 -1.52 -4.48 16.16
C ASN A 362 -0.47 -3.65 16.92
N GLY A 363 0.11 -2.67 16.24
CA GLY A 363 1.12 -1.85 16.89
C GLY A 363 2.30 -2.64 17.43
N SER A 364 2.86 -2.17 18.55
CA SER A 364 4.00 -2.83 19.18
C SER A 364 4.18 -2.28 20.59
N SER A 365 3.34 -2.74 21.50
CA SER A 365 3.39 -2.28 22.89
C SER A 365 4.65 -2.74 23.63
N LEU A 366 5.28 -3.82 23.17
CA LEU A 366 6.49 -4.28 23.84
C LEU A 366 7.79 -3.86 23.13
N GLY A 367 7.71 -2.84 22.30
CA GLY A 367 8.89 -2.38 21.59
C GLY A 367 8.78 -2.68 20.12
N PRO A 368 9.57 -2.02 19.27
CA PRO A 368 9.56 -2.23 17.81
C PRO A 368 10.20 -3.56 17.40
N GLU A 369 10.84 -4.23 18.34
CA GLU A 369 11.50 -5.50 18.06
C GLU A 369 10.61 -6.71 18.32
N TYR A 370 9.40 -6.47 18.79
CA TYR A 370 8.51 -7.58 19.06
C TYR A 370 7.12 -7.54 18.46
N ASN A 371 6.59 -8.72 18.19
CA ASN A 371 5.24 -8.86 17.71
C ASN A 371 4.58 -9.62 18.86
N VAL A 372 3.34 -9.23 19.14
CA VAL A 372 2.60 -9.81 20.24
C VAL A 372 1.35 -10.57 19.80
N PHE A 373 1.12 -11.72 20.42
CA PHE A 373 -0.09 -12.49 20.18
C PHE A 373 -0.47 -13.09 21.53
N ALA A 374 -1.72 -13.55 21.64
CA ALA A 374 -2.18 -14.09 22.90
C ALA A 374 -3.02 -15.34 22.68
N THR A 375 -3.05 -16.19 23.70
CA THR A 375 -3.81 -17.43 23.67
C THR A 375 -4.71 -17.58 24.91
N GLY A 376 -5.90 -18.16 24.69
CA GLY A 376 -6.83 -18.39 25.77
C GLY A 376 -6.99 -19.90 25.76
N SER A 377 -6.90 -20.53 26.94
CA SER A 377 -6.98 -21.98 26.99
C SER A 377 -7.98 -22.57 27.98
N GLY A 378 -8.23 -23.87 27.77
CA GLY A 378 -9.12 -24.61 28.63
C GLY A 378 -8.35 -24.93 29.91
N ASP A 379 -7.06 -24.58 29.95
CA ASP A 379 -6.33 -24.84 31.18
C ASP A 379 -6.50 -23.66 32.15
N CYS A 380 -7.43 -22.77 31.81
CA CYS A 380 -7.76 -21.59 32.63
C CYS A 380 -6.70 -20.47 32.67
N LYS A 381 -5.80 -20.49 31.70
CA LYS A 381 -4.79 -19.43 31.64
C LYS A 381 -4.86 -18.71 30.30
N ALA A 382 -4.56 -17.41 30.32
CA ALA A 382 -4.49 -16.61 29.11
C ALA A 382 -3.04 -16.17 29.11
N ARG A 383 -2.34 -16.38 28.00
CA ARG A 383 -0.95 -15.97 27.95
C ARG A 383 -0.66 -14.99 26.84
N ILE A 384 0.25 -14.06 27.13
CA ILE A 384 0.68 -13.06 26.18
C ILE A 384 2.08 -13.51 25.75
N TRP A 385 2.27 -13.65 24.44
CA TRP A 385 3.55 -14.10 23.89
C TRP A 385 4.14 -13.03 23.03
N LYS A 386 5.46 -12.99 22.97
CA LYS A 386 6.21 -12.03 22.14
C LYS A 386 7.14 -12.89 21.27
N TYR A 387 7.31 -12.50 20.02
CA TYR A 387 8.17 -13.24 19.10
C TYR A 387 8.97 -12.30 18.23
N LYS A 388 10.13 -12.74 17.76
CA LYS A 388 10.98 -11.93 16.91
C LYS A 388 11.83 -12.80 15.97
N LYS A 389 12.45 -12.15 14.98
CA LYS A 389 13.32 -12.85 14.04
C LYS A 389 14.76 -12.89 14.55
N ILE A 390 15.37 -14.07 14.50
CA ILE A 390 16.74 -14.25 14.96
C ILE A 390 17.64 -14.57 13.77
N HIS B 3 49.35 15.19 -20.21
CA HIS B 3 48.33 14.14 -20.49
C HIS B 3 46.97 14.48 -19.91
N TYR B 4 45.94 14.26 -20.73
CA TYR B 4 44.56 14.56 -20.38
C TYR B 4 44.01 13.89 -19.12
N LEU B 5 43.25 14.66 -18.37
CA LEU B 5 42.60 14.18 -17.17
C LEU B 5 41.24 14.87 -17.15
N VAL B 6 40.24 14.20 -16.59
CA VAL B 6 38.91 14.80 -16.52
C VAL B 6 38.87 15.83 -15.39
N PRO B 7 38.54 17.09 -15.72
CA PRO B 7 38.45 18.17 -14.74
C PRO B 7 37.28 17.87 -13.82
N TYR B 8 37.50 17.96 -12.50
CA TYR B 8 36.44 17.68 -11.53
C TYR B 8 35.12 18.39 -11.84
N ASN B 9 35.21 19.51 -12.55
CA ASN B 9 34.05 20.32 -12.90
C ASN B 9 33.29 19.83 -14.11
N GLN B 10 33.86 18.88 -14.86
CA GLN B 10 33.20 18.36 -16.04
C GLN B 10 32.90 16.86 -15.96
N ARG B 11 32.92 16.32 -14.75
CA ARG B 11 32.66 14.91 -14.55
C ARG B 11 31.31 14.49 -15.12
N ALA B 12 30.25 15.22 -14.80
CA ALA B 12 28.92 14.90 -15.30
C ALA B 12 28.77 15.19 -16.79
N ASN B 13 29.59 16.11 -17.28
CA ASN B 13 29.56 16.52 -18.68
C ASN B 13 29.56 15.37 -19.68
N HIS B 14 28.48 15.27 -20.45
CA HIS B 14 28.35 14.22 -21.43
C HIS B 14 29.21 14.42 -22.68
N SER B 15 29.51 15.66 -23.02
CA SER B 15 30.27 15.91 -24.24
C SER B 15 31.77 16.13 -24.15
N LYS B 16 32.44 15.50 -23.20
CA LYS B 16 33.88 15.67 -23.17
C LYS B 16 34.52 14.74 -24.22
N PRO B 17 35.79 14.99 -24.56
CA PRO B 17 36.49 14.17 -25.56
C PRO B 17 36.98 12.82 -25.05
N ILE B 18 37.28 11.94 -26.00
CA ILE B 18 37.83 10.61 -25.72
C ILE B 18 39.27 10.88 -25.31
N PRO B 19 39.75 10.25 -24.22
CA PRO B 19 41.15 10.52 -23.86
C PRO B 19 42.04 10.07 -25.00
N PRO B 20 43.08 10.85 -25.35
CA PRO B 20 44.02 10.54 -26.44
C PRO B 20 44.61 9.13 -26.41
N PHE B 21 44.84 8.58 -25.23
CA PHE B 21 45.43 7.24 -25.15
C PHE B 21 44.44 6.12 -25.51
N LEU B 22 43.19 6.49 -25.74
CA LEU B 22 42.15 5.54 -26.13
C LEU B 22 41.67 5.80 -27.57
N LEU B 23 42.13 6.91 -28.17
CA LEU B 23 41.73 7.24 -29.54
C LEU B 23 42.24 6.19 -30.52
N ASP B 24 43.36 5.56 -30.20
CA ASP B 24 43.91 4.51 -31.06
C ASP B 24 44.22 3.27 -30.23
N LEU B 25 43.33 2.29 -30.34
CA LEU B 25 43.47 1.05 -29.61
C LEU B 25 44.55 0.12 -30.17
N ASP B 26 45.49 0.66 -30.96
CA ASP B 26 46.56 -0.14 -31.54
C ASP B 26 47.68 -0.33 -30.49
N SER B 27 48.02 -1.58 -30.20
CA SER B 27 49.06 -1.87 -29.20
C SER B 27 50.48 -1.83 -29.75
N GLN B 28 50.63 -1.79 -31.07
CA GLN B 28 51.96 -1.76 -31.67
C GLN B 28 52.50 -0.34 -31.90
N SER B 29 52.24 0.56 -30.96
CA SER B 29 52.72 1.94 -31.06
C SER B 29 52.87 2.52 -29.66
N VAL B 30 52.38 1.80 -28.65
CA VAL B 30 52.47 2.26 -27.28
C VAL B 30 53.77 1.84 -26.63
N PRO B 31 54.44 2.79 -25.95
CA PRO B 31 55.71 2.53 -25.28
C PRO B 31 55.57 1.34 -24.32
N ASP B 32 56.63 0.54 -24.22
CA ASP B 32 56.63 -0.63 -23.36
C ASP B 32 56.08 -0.36 -21.96
N ALA B 33 56.37 0.84 -21.45
CA ALA B 33 55.98 1.23 -20.11
C ALA B 33 54.50 1.55 -19.90
N LEU B 34 53.76 1.76 -20.99
CA LEU B 34 52.34 2.08 -20.85
C LEU B 34 51.44 0.93 -21.31
N LYS B 35 52.00 -0.26 -21.49
CA LYS B 35 51.23 -1.42 -21.96
C LYS B 35 51.72 -2.71 -21.37
N LYS B 36 50.83 -3.70 -21.37
CA LYS B 36 51.20 -5.01 -20.90
C LYS B 36 50.64 -5.95 -21.95
N GLN B 37 51.50 -6.68 -22.64
CA GLN B 37 50.99 -7.58 -23.66
C GLN B 37 51.48 -9.01 -23.48
N THR B 38 50.59 -9.95 -23.81
CA THR B 38 50.88 -11.37 -23.73
C THR B 38 50.24 -11.88 -24.99
N ASN B 39 50.32 -13.17 -25.24
CA ASN B 39 49.72 -13.70 -26.45
C ASN B 39 48.20 -13.73 -26.35
N ASP B 40 47.68 -13.70 -25.13
CA ASP B 40 46.24 -13.77 -24.93
C ASP B 40 45.49 -12.46 -24.75
N TYR B 41 46.21 -11.39 -24.42
CA TYR B 41 45.57 -10.09 -24.19
C TYR B 41 46.59 -9.00 -24.00
N TYR B 42 46.13 -7.76 -24.09
CA TYR B 42 47.03 -6.65 -23.82
C TYR B 42 46.26 -5.57 -23.08
N ILE B 43 47.00 -4.78 -22.32
CA ILE B 43 46.43 -3.71 -21.52
C ILE B 43 47.06 -2.37 -21.87
N LEU B 44 46.22 -1.34 -21.99
CA LEU B 44 46.71 0.01 -22.26
C LEU B 44 46.48 0.77 -20.96
N TYR B 45 47.52 1.42 -20.46
CA TYR B 45 47.41 2.18 -19.22
C TYR B 45 47.31 3.68 -19.47
N ASN B 46 46.53 4.38 -18.64
CA ASN B 46 46.39 5.83 -18.80
C ASN B 46 47.75 6.45 -18.49
N PRO B 47 48.32 7.19 -19.44
CA PRO B 47 49.63 7.82 -19.21
C PRO B 47 49.66 8.98 -18.23
N ALA B 48 48.49 9.44 -17.81
CA ALA B 48 48.42 10.57 -16.89
C ALA B 48 48.34 10.15 -15.44
N LEU B 49 48.18 8.85 -15.19
CA LEU B 49 48.08 8.36 -13.83
C LEU B 49 49.10 7.29 -13.53
N PRO B 50 49.47 7.12 -12.25
CA PRO B 50 50.45 6.07 -11.95
C PRO B 50 49.83 4.70 -12.21
N ARG B 51 50.66 3.76 -12.64
CA ARG B 51 50.25 2.40 -12.94
C ARG B 51 50.22 1.63 -11.59
N GLU B 52 49.04 1.43 -11.01
CA GLU B 52 48.95 0.73 -9.73
C GLU B 52 48.16 -0.57 -9.75
N ILE B 53 47.58 -0.90 -10.90
CA ILE B 53 46.76 -2.10 -11.02
C ILE B 53 47.36 -3.12 -12.00
N ASP B 54 47.40 -4.40 -11.61
CA ASP B 54 47.85 -5.41 -12.57
C ASP B 54 46.68 -6.35 -12.84
N VAL B 55 46.53 -6.77 -14.10
CA VAL B 55 45.44 -7.67 -14.44
C VAL B 55 46.03 -8.92 -15.04
N GLU B 56 45.52 -10.08 -14.63
CA GLU B 56 45.99 -11.34 -15.19
C GLU B 56 44.84 -12.28 -15.55
N LEU B 57 45.08 -13.06 -16.59
CA LEU B 57 44.13 -14.05 -17.08
C LEU B 57 44.24 -15.26 -16.19
N HIS B 58 43.13 -15.70 -15.62
CA HIS B 58 43.11 -16.86 -14.73
C HIS B 58 42.69 -18.12 -15.48
N LYS B 59 41.56 -18.08 -16.16
CA LYS B 59 41.07 -19.21 -16.96
C LYS B 59 40.31 -18.72 -18.17
N SER B 60 40.46 -19.45 -19.27
CA SER B 60 39.76 -19.11 -20.49
C SER B 60 38.85 -20.32 -20.75
N LEU B 61 37.55 -20.09 -20.86
CA LEU B 61 36.59 -21.20 -21.04
C LEU B 61 35.92 -21.21 -22.41
N ASP B 62 36.17 -22.27 -23.18
CA ASP B 62 35.58 -22.39 -24.51
C ASP B 62 34.11 -22.71 -24.48
N HIS B 63 33.37 -22.08 -25.37
CA HIS B 63 31.94 -22.28 -25.52
C HIS B 63 31.75 -22.49 -27.03
N THR B 64 30.73 -23.24 -27.41
CA THR B 64 30.53 -23.45 -28.84
C THR B 64 29.58 -22.42 -29.45
N SER B 65 29.33 -21.33 -28.74
CA SER B 65 28.48 -20.26 -29.26
C SER B 65 28.76 -19.01 -28.42
N VAL B 66 28.20 -17.89 -28.85
CA VAL B 66 28.40 -16.59 -28.18
C VAL B 66 28.00 -16.67 -26.69
N VAL B 67 28.84 -16.16 -25.81
CA VAL B 67 28.53 -16.19 -24.40
C VAL B 67 27.77 -14.91 -24.10
N CYS B 68 26.48 -15.05 -23.83
CA CYS B 68 25.57 -13.92 -23.58
C CYS B 68 25.59 -13.37 -22.17
N CYS B 69 26.03 -14.17 -21.22
CA CYS B 69 26.04 -13.69 -19.86
C CYS B 69 26.91 -14.53 -18.97
N VAL B 70 27.46 -13.86 -17.96
CA VAL B 70 28.32 -14.47 -16.98
C VAL B 70 27.90 -13.85 -15.66
N LYS B 71 27.94 -14.64 -14.59
CA LYS B 71 27.58 -14.15 -13.28
C LYS B 71 28.21 -15.03 -12.20
N PHE B 72 28.69 -14.41 -11.13
CA PHE B 72 29.28 -15.21 -10.04
C PHE B 72 28.21 -15.50 -9.00
N SER B 73 28.44 -16.56 -8.23
CA SER B 73 27.54 -16.92 -7.14
C SER B 73 27.85 -15.89 -6.08
N ASN B 74 26.94 -15.72 -5.13
CA ASN B 74 27.10 -14.74 -4.06
C ASN B 74 28.40 -14.88 -3.30
N ASP B 75 28.82 -16.12 -3.04
CA ASP B 75 30.06 -16.34 -2.30
C ASP B 75 31.29 -16.17 -3.16
N GLY B 76 31.11 -16.03 -4.47
CA GLY B 76 32.22 -15.87 -5.40
C GLY B 76 32.96 -17.16 -5.75
N GLU B 77 32.44 -18.30 -5.34
CA GLU B 77 33.15 -19.55 -5.62
C GLU B 77 32.75 -20.17 -6.95
N TYR B 78 31.64 -19.73 -7.51
CA TYR B 78 31.20 -20.25 -8.81
C TYR B 78 30.84 -19.20 -9.87
N LEU B 79 31.02 -19.60 -11.12
CA LEU B 79 30.68 -18.73 -12.25
C LEU B 79 29.75 -19.54 -13.13
N ALA B 80 28.67 -18.91 -13.53
CA ALA B 80 27.69 -19.51 -14.42
C ALA B 80 27.74 -18.71 -15.73
N THR B 81 27.70 -19.41 -16.86
CA THR B 81 27.68 -18.74 -18.14
C THR B 81 26.45 -19.25 -18.86
N GLY B 82 25.99 -18.44 -19.81
CA GLY B 82 24.84 -18.81 -20.60
C GLY B 82 25.24 -18.60 -22.04
N CYS B 83 24.86 -19.53 -22.91
CA CYS B 83 25.13 -19.40 -24.33
C CYS B 83 23.94 -20.03 -25.07
N ASN B 84 24.19 -20.56 -26.27
CA ASN B 84 23.13 -21.17 -27.05
C ASN B 84 22.75 -22.53 -26.46
N LYS B 85 21.50 -22.67 -26.05
CA LYS B 85 20.96 -23.91 -25.51
C LYS B 85 21.42 -24.34 -24.11
N THR B 86 22.72 -24.27 -23.86
CA THR B 86 23.22 -24.70 -22.57
C THR B 86 23.68 -23.61 -21.63
N THR B 87 23.56 -23.91 -20.33
CA THR B 87 23.98 -23.02 -19.25
C THR B 87 25.05 -23.81 -18.52
N GLN B 88 26.12 -23.16 -18.11
CA GLN B 88 27.16 -23.91 -17.39
C GLN B 88 27.68 -23.28 -16.11
N VAL B 89 28.07 -24.15 -15.18
CA VAL B 89 28.59 -23.73 -13.89
C VAL B 89 30.04 -24.19 -13.77
N TYR B 90 30.93 -23.25 -13.44
CA TYR B 90 32.35 -23.55 -13.29
C TYR B 90 32.86 -23.21 -11.91
N ARG B 91 33.85 -23.96 -11.46
CA ARG B 91 34.48 -23.70 -10.16
C ARG B 91 35.51 -22.62 -10.48
N VAL B 92 35.40 -21.47 -9.83
CA VAL B 92 36.31 -20.36 -10.05
C VAL B 92 37.80 -20.63 -9.81
N SER B 93 38.11 -21.17 -8.63
CA SER B 93 39.48 -21.45 -8.25
C SER B 93 40.34 -22.19 -9.28
N ASP B 94 39.78 -23.21 -9.90
CA ASP B 94 40.54 -23.98 -10.88
C ASP B 94 39.87 -24.03 -12.23
N GLY B 95 38.76 -23.30 -12.38
CA GLY B 95 38.06 -23.26 -13.65
C GLY B 95 37.45 -24.56 -14.15
N SER B 96 37.27 -25.52 -13.24
CA SER B 96 36.69 -26.81 -13.62
C SER B 96 35.17 -26.77 -13.79
N LEU B 97 34.71 -27.51 -14.78
CA LEU B 97 33.31 -27.60 -15.13
C LEU B 97 32.57 -28.45 -14.10
N VAL B 98 31.66 -27.81 -13.39
CA VAL B 98 30.87 -28.46 -12.37
C VAL B 98 29.60 -29.06 -12.97
N ALA B 99 28.97 -28.36 -13.90
CA ALA B 99 27.74 -28.86 -14.54
C ALA B 99 27.35 -28.09 -15.79
N ARG B 100 26.81 -28.82 -16.75
CA ARG B 100 26.34 -28.20 -17.96
C ARG B 100 24.88 -28.61 -17.99
N LEU B 101 23.99 -27.61 -17.90
CA LEU B 101 22.55 -27.84 -17.87
C LEU B 101 21.86 -27.55 -19.19
N SER B 102 21.04 -28.50 -19.62
CA SER B 102 20.32 -28.37 -20.88
C SER B 102 18.93 -28.99 -20.72
N ASP B 103 17.91 -28.28 -21.16
CA ASP B 103 16.55 -28.81 -21.06
C ASP B 103 16.29 -29.76 -22.23
N ASP B 123 17.70 -23.51 -32.01
CA ASP B 123 18.46 -22.37 -31.49
C ASP B 123 17.70 -21.62 -30.40
N LEU B 124 18.12 -21.82 -29.16
CA LEU B 124 17.51 -21.17 -28.01
C LEU B 124 18.60 -20.61 -27.10
N TYR B 125 18.91 -19.34 -27.27
CA TYR B 125 19.90 -18.74 -26.41
C TYR B 125 19.39 -18.47 -24.98
N ILE B 126 20.29 -18.65 -24.02
CA ILE B 126 20.02 -18.40 -22.63
C ILE B 126 20.62 -16.99 -22.46
N ARG B 127 19.75 -15.98 -22.47
CA ARG B 127 20.15 -14.58 -22.35
C ARG B 127 20.57 -14.10 -20.98
N SER B 128 20.00 -14.68 -19.93
CA SER B 128 20.39 -14.26 -18.59
C SER B 128 20.41 -15.38 -17.59
N VAL B 129 21.36 -15.30 -16.65
CA VAL B 129 21.45 -16.31 -15.61
C VAL B 129 21.66 -15.62 -14.26
N CYS B 130 21.31 -16.29 -13.17
CA CYS B 130 21.50 -15.71 -11.86
C CYS B 130 21.35 -16.77 -10.79
N PHE B 131 22.30 -16.80 -9.87
CA PHE B 131 22.28 -17.75 -8.77
C PHE B 131 21.36 -17.18 -7.69
N SER B 132 20.69 -18.06 -6.96
CA SER B 132 19.85 -17.66 -5.83
C SER B 132 20.90 -17.29 -4.75
N PRO B 133 20.52 -16.48 -3.74
CA PRO B 133 21.43 -16.06 -2.68
C PRO B 133 22.23 -17.15 -1.99
N ASP B 134 21.62 -18.30 -1.76
CA ASP B 134 22.31 -19.40 -1.10
C ASP B 134 23.13 -20.29 -2.03
N GLY B 135 23.17 -19.96 -3.33
CA GLY B 135 23.92 -20.73 -4.30
C GLY B 135 23.41 -22.10 -4.69
N LYS B 136 22.23 -22.47 -4.21
CA LYS B 136 21.71 -23.79 -4.54
C LYS B 136 20.96 -23.83 -5.86
N PHE B 137 20.36 -22.70 -6.23
CA PHE B 137 19.59 -22.65 -7.47
C PHE B 137 20.16 -21.68 -8.51
N LEU B 138 19.81 -21.94 -9.76
CA LEU B 138 20.24 -21.11 -10.86
C LEU B 138 19.02 -20.79 -11.72
N ALA B 139 18.69 -19.50 -11.85
CA ALA B 139 17.58 -19.12 -12.71
C ALA B 139 18.11 -18.75 -14.08
N THR B 140 17.44 -19.19 -15.13
CA THR B 140 17.84 -18.86 -16.49
C THR B 140 16.65 -18.28 -17.27
N GLY B 141 16.96 -17.36 -18.18
CA GLY B 141 15.95 -16.73 -19.02
C GLY B 141 16.34 -17.02 -20.46
N ALA B 142 15.45 -17.67 -21.22
CA ALA B 142 15.75 -18.01 -22.60
C ALA B 142 14.81 -17.34 -23.61
N GLU B 143 15.09 -17.57 -24.90
CA GLU B 143 14.30 -16.98 -25.96
C GLU B 143 12.95 -17.66 -26.18
N ASP B 144 12.73 -18.75 -25.47
CA ASP B 144 11.44 -19.43 -25.59
C ASP B 144 10.45 -18.78 -24.61
N ARG B 145 10.85 -17.65 -24.03
CA ARG B 145 9.99 -16.90 -23.12
C ARG B 145 9.80 -17.54 -21.74
N LEU B 146 10.58 -18.57 -21.46
CA LEU B 146 10.48 -19.24 -20.19
C LEU B 146 11.63 -18.92 -19.22
N ILE B 147 11.32 -18.95 -17.94
CA ILE B 147 12.30 -18.75 -16.90
C ILE B 147 12.35 -20.09 -16.20
N ARG B 148 13.53 -20.69 -16.20
CA ARG B 148 13.72 -21.98 -15.56
C ARG B 148 14.59 -21.83 -14.32
N ILE B 149 14.19 -22.51 -13.26
CA ILE B 149 14.96 -22.50 -12.02
C ILE B 149 15.57 -23.89 -11.86
N TRP B 150 16.90 -23.96 -11.90
CA TRP B 150 17.56 -25.24 -11.78
C TRP B 150 18.12 -25.51 -10.39
N ASP B 151 18.01 -26.78 -10.00
CA ASP B 151 18.54 -27.27 -8.73
C ASP B 151 19.90 -27.72 -9.26
N ILE B 152 20.97 -27.01 -8.88
CA ILE B 152 22.30 -27.34 -9.37
C ILE B 152 22.81 -28.73 -8.95
N GLU B 153 22.61 -29.10 -7.69
CA GLU B 153 23.03 -30.39 -7.19
C GLU B 153 22.42 -31.57 -7.97
N ASN B 154 21.12 -31.55 -8.15
CA ASN B 154 20.47 -32.64 -8.87
C ASN B 154 20.27 -32.39 -10.36
N ARG B 155 20.82 -31.30 -10.86
CA ARG B 155 20.73 -30.95 -12.26
C ARG B 155 19.33 -31.18 -12.83
N LYS B 156 18.32 -30.72 -12.11
CA LYS B 156 16.95 -30.89 -12.56
C LYS B 156 16.24 -29.54 -12.42
N ILE B 157 15.27 -29.29 -13.28
CA ILE B 157 14.48 -28.05 -13.22
C ILE B 157 13.42 -28.25 -12.14
N VAL B 158 13.34 -27.34 -11.18
CA VAL B 158 12.35 -27.48 -10.11
C VAL B 158 11.16 -26.53 -10.26
N MET B 159 11.25 -25.59 -11.20
CA MET B 159 10.16 -24.66 -11.43
C MET B 159 10.33 -23.92 -12.75
N ILE B 160 9.21 -23.71 -13.44
CA ILE B 160 9.19 -22.99 -14.70
C ILE B 160 8.22 -21.82 -14.56
N LEU B 161 8.70 -20.62 -14.83
CA LEU B 161 7.87 -19.42 -14.75
C LEU B 161 7.47 -19.00 -16.15
N GLN B 162 6.17 -18.94 -16.36
CA GLN B 162 5.59 -18.64 -17.66
C GLN B 162 4.73 -17.39 -17.64
N GLY B 163 4.82 -16.58 -18.70
CA GLY B 163 4.02 -15.36 -18.75
C GLY B 163 4.56 -14.30 -19.68
N HIS B 164 5.88 -14.20 -19.82
CA HIS B 164 6.46 -13.22 -20.70
C HIS B 164 6.07 -13.49 -22.16
N GLU B 165 6.01 -12.42 -22.95
CA GLU B 165 5.62 -12.55 -24.34
C GLU B 165 6.70 -12.27 -25.37
N GLN B 166 7.95 -12.22 -24.90
CA GLN B 166 9.11 -12.03 -25.76
C GLN B 166 10.34 -12.46 -25.00
N ASP B 167 11.50 -12.41 -25.65
CA ASP B 167 12.74 -12.83 -25.02
C ASP B 167 12.94 -12.20 -23.66
N ILE B 168 13.50 -13.00 -22.77
CA ILE B 168 13.83 -12.53 -21.43
C ILE B 168 15.31 -12.11 -21.48
N TYR B 169 15.56 -10.81 -21.36
CA TYR B 169 16.93 -10.28 -21.44
C TYR B 169 17.67 -10.16 -20.11
N SER B 170 16.96 -10.18 -18.99
CA SER B 170 17.63 -10.01 -17.72
C SER B 170 16.80 -10.54 -16.55
N LEU B 171 17.52 -11.07 -15.57
CA LEU B 171 16.95 -11.63 -14.34
C LEU B 171 17.86 -11.25 -13.18
N ASP B 172 17.28 -11.16 -11.99
CA ASP B 172 18.02 -10.87 -10.78
C ASP B 172 17.18 -11.32 -9.57
N TYR B 173 17.82 -11.96 -8.60
CA TYR B 173 17.13 -12.42 -7.41
C TYR B 173 17.06 -11.33 -6.35
N PHE B 174 16.02 -11.39 -5.54
CA PHE B 174 15.89 -10.47 -4.42
C PHE B 174 16.80 -11.12 -3.36
N PRO B 175 17.43 -10.31 -2.50
CA PRO B 175 18.32 -10.82 -1.45
C PRO B 175 17.71 -11.90 -0.57
N SER B 176 16.39 -11.82 -0.36
CA SER B 176 15.69 -12.77 0.48
C SER B 176 15.55 -14.16 -0.14
N GLY B 177 15.81 -14.25 -1.44
CA GLY B 177 15.72 -15.54 -2.13
C GLY B 177 14.34 -16.08 -2.48
N ASP B 178 13.27 -15.40 -2.11
CA ASP B 178 11.95 -15.92 -2.43
C ASP B 178 11.22 -15.16 -3.55
N LYS B 179 11.91 -14.22 -4.18
CA LYS B 179 11.36 -13.45 -5.29
C LYS B 179 12.41 -13.26 -6.37
N LEU B 180 11.93 -13.08 -7.59
CA LEU B 180 12.80 -12.91 -8.73
C LEU B 180 12.21 -11.83 -9.63
N VAL B 181 13.08 -10.99 -10.17
CA VAL B 181 12.62 -9.96 -11.10
C VAL B 181 13.18 -10.25 -12.50
N SER B 182 12.35 -10.06 -13.52
CA SER B 182 12.75 -10.30 -14.91
C SER B 182 12.43 -9.12 -15.81
N GLY B 183 13.25 -8.97 -16.87
CA GLY B 183 13.07 -7.91 -17.86
C GLY B 183 12.91 -8.54 -19.25
N SER B 184 11.96 -8.04 -20.05
CA SER B 184 11.72 -8.61 -21.36
C SER B 184 11.44 -7.63 -22.49
N GLY B 185 11.60 -8.13 -23.72
CA GLY B 185 11.35 -7.35 -24.91
C GLY B 185 9.86 -7.11 -25.03
N ASP B 186 9.06 -7.77 -24.17
CA ASP B 186 7.62 -7.55 -24.22
C ASP B 186 7.24 -6.28 -23.47
N ARG B 187 8.24 -5.45 -23.16
CA ARG B 187 8.02 -4.18 -22.47
C ARG B 187 7.59 -4.26 -21.00
N THR B 188 7.87 -5.37 -20.32
CA THR B 188 7.46 -5.47 -18.94
C THR B 188 8.61 -5.90 -18.03
N VAL B 189 8.43 -5.59 -16.75
CA VAL B 189 9.34 -5.97 -15.70
C VAL B 189 8.39 -6.76 -14.80
N ARG B 190 8.75 -7.97 -14.44
CA ARG B 190 7.87 -8.76 -13.60
C ARG B 190 8.57 -9.28 -12.37
N ILE B 191 7.79 -9.30 -11.28
CA ILE B 191 8.28 -9.81 -10.02
C ILE B 191 7.55 -11.14 -9.78
N TRP B 192 8.35 -12.18 -9.57
CA TRP B 192 7.83 -13.53 -9.36
C TRP B 192 7.98 -14.02 -7.93
N ASP B 193 6.90 -14.60 -7.39
CA ASP B 193 6.92 -15.14 -6.04
C ASP B 193 7.38 -16.59 -6.16
N LEU B 194 8.59 -16.88 -5.72
CA LEU B 194 9.10 -18.24 -5.86
C LEU B 194 8.47 -19.22 -4.87
N ARG B 195 7.74 -18.69 -3.91
CA ARG B 195 7.08 -19.55 -2.93
C ARG B 195 5.82 -20.13 -3.58
N THR B 196 5.12 -19.31 -4.38
CA THR B 196 3.89 -19.75 -5.04
C THR B 196 4.10 -20.10 -6.50
N GLY B 197 5.20 -19.63 -7.06
CA GLY B 197 5.48 -19.90 -8.46
C GLY B 197 4.65 -19.01 -9.37
N GLN B 198 4.08 -17.93 -8.84
CA GLN B 198 3.24 -17.05 -9.63
C GLN B 198 3.82 -15.64 -9.80
N CYS B 199 3.36 -14.95 -10.84
CA CYS B 199 3.79 -13.59 -11.13
C CYS B 199 3.03 -12.69 -10.17
N SER B 200 3.72 -12.07 -9.23
CA SER B 200 3.03 -11.21 -8.26
C SER B 200 2.82 -9.77 -8.74
N LEU B 201 3.69 -9.27 -9.60
CA LEU B 201 3.54 -7.91 -10.09
C LEU B 201 4.08 -7.72 -11.51
N THR B 202 3.36 -6.93 -12.30
CA THR B 202 3.74 -6.67 -13.68
C THR B 202 3.80 -5.17 -13.90
N LEU B 203 4.98 -4.68 -14.26
CA LEU B 203 5.19 -3.26 -14.53
C LEU B 203 5.35 -3.12 -16.04
N SER B 204 4.53 -2.29 -16.65
CA SER B 204 4.58 -2.07 -18.10
C SER B 204 5.13 -0.70 -18.45
N ILE B 205 6.03 -0.65 -19.42
CA ILE B 205 6.55 0.62 -19.87
C ILE B 205 6.34 0.66 -21.39
N GLU B 206 6.84 1.70 -22.04
CA GLU B 206 6.62 1.89 -23.47
C GLU B 206 7.50 1.13 -24.43
N ASP B 207 8.73 0.81 -24.01
CA ASP B 207 9.65 0.10 -24.89
C ASP B 207 10.24 -1.11 -24.18
N GLY B 208 11.03 -1.89 -24.92
CA GLY B 208 11.64 -3.09 -24.36
C GLY B 208 12.59 -2.87 -23.20
N VAL B 209 12.62 -3.84 -22.31
CA VAL B 209 13.46 -3.82 -21.13
C VAL B 209 14.65 -4.69 -21.42
N THR B 210 15.84 -4.13 -21.25
CA THR B 210 17.08 -4.83 -21.55
C THR B 210 17.89 -5.33 -20.34
N THR B 211 17.60 -4.77 -19.17
CA THR B 211 18.36 -5.08 -17.97
C THR B 211 17.55 -4.71 -16.72
N VAL B 212 17.68 -5.50 -15.65
CA VAL B 212 17.01 -5.23 -14.40
C VAL B 212 18.00 -5.46 -13.28
N ALA B 213 17.75 -4.83 -12.14
CA ALA B 213 18.61 -5.00 -10.98
C ALA B 213 17.82 -4.79 -9.68
N VAL B 214 18.21 -5.52 -8.63
CA VAL B 214 17.57 -5.38 -7.34
C VAL B 214 18.54 -4.63 -6.42
N SER B 215 18.06 -3.65 -5.66
CA SER B 215 18.97 -2.93 -4.77
C SER B 215 19.48 -3.93 -3.72
N PRO B 216 20.75 -3.79 -3.30
CA PRO B 216 21.34 -4.71 -2.31
C PRO B 216 20.76 -4.54 -0.90
N GLY B 217 20.96 -5.58 -0.08
CA GLY B 217 20.48 -5.55 1.29
C GLY B 217 19.05 -5.98 1.47
N ASP B 218 18.14 -5.02 1.42
CA ASP B 218 16.72 -5.31 1.62
C ASP B 218 15.94 -5.50 0.34
N GLY B 219 16.52 -5.10 -0.80
CA GLY B 219 15.82 -5.22 -2.07
C GLY B 219 14.61 -4.30 -2.15
N LYS B 220 14.72 -3.13 -1.54
CA LYS B 220 13.61 -2.16 -1.53
C LYS B 220 13.31 -1.58 -2.90
N TYR B 221 14.34 -1.48 -3.75
CA TYR B 221 14.16 -0.92 -5.08
C TYR B 221 14.58 -1.80 -6.24
N ILE B 222 13.89 -1.61 -7.36
CA ILE B 222 14.20 -2.33 -8.57
C ILE B 222 14.47 -1.29 -9.64
N ALA B 223 15.51 -1.51 -10.42
CA ALA B 223 15.85 -0.59 -11.48
C ALA B 223 15.78 -1.37 -12.78
N ALA B 224 15.50 -0.66 -13.87
CA ALA B 224 15.43 -1.28 -15.18
C ALA B 224 15.94 -0.28 -16.23
N GLY B 225 16.70 -0.79 -17.17
CA GLY B 225 17.21 0.03 -18.24
C GLY B 225 16.29 -0.28 -19.40
N SER B 226 16.09 0.69 -20.26
CA SER B 226 15.17 0.48 -21.36
C SER B 226 15.66 0.96 -22.72
N LEU B 227 15.09 0.39 -23.78
CA LEU B 227 15.43 0.77 -25.15
C LEU B 227 15.11 2.26 -25.40
N ASP B 228 14.22 2.83 -24.59
CA ASP B 228 13.84 4.23 -24.74
C ASP B 228 14.80 5.24 -24.08
N ARG B 229 16.03 4.81 -23.80
CA ARG B 229 17.06 5.68 -23.21
C ARG B 229 16.92 6.05 -21.74
N ALA B 230 15.91 5.53 -21.06
CA ALA B 230 15.73 5.87 -19.64
C ALA B 230 16.09 4.72 -18.68
N VAL B 231 16.26 5.09 -17.42
CA VAL B 231 16.51 4.11 -16.37
C VAL B 231 15.39 4.41 -15.40
N ARG B 232 14.65 3.39 -15.00
CA ARG B 232 13.54 3.59 -14.08
C ARG B 232 13.78 2.85 -12.77
N VAL B 233 13.34 3.44 -11.66
CA VAL B 233 13.48 2.81 -10.36
C VAL B 233 12.11 2.73 -9.70
N TRP B 234 11.72 1.54 -9.28
CA TRP B 234 10.43 1.34 -8.62
C TRP B 234 10.62 0.86 -7.20
N ASP B 235 9.63 1.19 -6.36
CA ASP B 235 9.61 0.73 -4.98
C ASP B 235 9.12 -0.71 -5.18
N SER B 236 9.93 -1.69 -4.82
CA SER B 236 9.54 -3.07 -5.08
C SER B 236 8.26 -3.59 -4.45
N GLU B 237 7.89 -3.06 -3.29
CA GLU B 237 6.68 -3.53 -2.61
C GLU B 237 5.38 -2.98 -3.19
N THR B 238 5.39 -1.73 -3.62
CA THR B 238 4.19 -1.07 -4.17
C THR B 238 4.10 -1.02 -5.68
N GLY B 239 5.24 -1.10 -6.37
CA GLY B 239 5.21 -1.03 -7.82
C GLY B 239 5.18 0.43 -8.29
N PHE B 240 5.27 1.37 -7.35
CA PHE B 240 5.26 2.79 -7.68
C PHE B 240 6.62 3.22 -8.26
N LEU B 241 6.59 3.98 -9.35
CA LEU B 241 7.80 4.47 -9.97
C LEU B 241 8.32 5.58 -9.06
N VAL B 242 9.52 5.41 -8.55
CA VAL B 242 10.10 6.39 -7.64
C VAL B 242 11.01 7.37 -8.34
N GLU B 243 11.64 6.93 -9.43
CA GLU B 243 12.55 7.78 -10.16
C GLU B 243 12.65 7.38 -11.63
N ARG B 244 12.79 8.38 -12.49
CA ARG B 244 12.91 8.15 -13.91
C ARG B 244 14.05 9.01 -14.43
N LEU B 245 15.18 8.39 -14.74
CA LEU B 245 16.36 9.11 -15.23
C LEU B 245 16.35 9.20 -16.76
N ASP B 246 15.78 10.27 -17.28
CA ASP B 246 15.69 10.49 -18.72
C ASP B 246 16.88 11.26 -19.26
N THR B 253 21.89 15.55 -19.52
CA THR B 253 22.78 14.52 -18.97
C THR B 253 22.26 13.10 -19.15
N GLY B 254 21.09 12.93 -19.76
CA GLY B 254 20.55 11.60 -19.97
C GLY B 254 21.21 10.90 -21.16
N HIS B 255 21.07 9.58 -21.25
CA HIS B 255 21.68 8.83 -22.35
C HIS B 255 21.08 9.26 -23.70
N LYS B 256 21.89 9.15 -24.75
CA LYS B 256 21.45 9.55 -26.08
C LYS B 256 20.99 8.38 -26.93
N ASP B 257 21.04 7.19 -26.36
CA ASP B 257 20.64 5.98 -27.06
C ASP B 257 20.25 4.95 -26.03
N SER B 258 19.73 3.82 -26.48
CA SER B 258 19.29 2.74 -25.63
C SER B 258 20.23 2.31 -24.49
N VAL B 259 19.66 2.05 -23.32
CA VAL B 259 20.44 1.59 -22.19
C VAL B 259 20.42 0.08 -22.20
N TYR B 260 21.60 -0.53 -22.08
CA TYR B 260 21.72 -1.98 -22.11
C TYR B 260 22.09 -2.69 -20.83
N SER B 261 22.53 -1.93 -19.83
CA SER B 261 22.94 -2.50 -18.54
C SER B 261 22.83 -1.50 -17.39
N VAL B 262 22.39 -1.98 -16.24
CA VAL B 262 22.27 -1.17 -15.04
C VAL B 262 22.52 -2.08 -13.84
N VAL B 263 23.12 -1.52 -12.79
CA VAL B 263 23.38 -2.23 -11.54
C VAL B 263 23.31 -1.15 -10.48
N PHE B 264 23.10 -1.54 -9.24
CA PHE B 264 23.12 -0.57 -8.16
C PHE B 264 24.57 -0.59 -7.64
N THR B 265 24.99 0.49 -7.00
CA THR B 265 26.33 0.49 -6.41
C THR B 265 26.09 -0.36 -5.19
N ARG B 266 27.14 -0.97 -4.63
CA ARG B 266 26.97 -1.83 -3.48
C ARG B 266 26.44 -1.16 -2.22
N ASP B 267 26.50 0.16 -2.15
CA ASP B 267 25.98 0.87 -0.98
C ASP B 267 24.48 1.15 -1.18
N GLY B 268 23.96 0.71 -2.33
CA GLY B 268 22.56 0.92 -2.65
C GLY B 268 22.12 2.37 -2.87
N GLN B 269 23.09 3.28 -2.88
CA GLN B 269 22.80 4.71 -3.04
C GLN B 269 22.76 5.24 -4.48
N SER B 270 23.36 4.52 -5.42
CA SER B 270 23.38 4.98 -6.80
C SER B 270 23.13 3.87 -7.81
N VAL B 271 22.95 4.30 -9.05
CA VAL B 271 22.74 3.38 -10.18
C VAL B 271 23.79 3.68 -11.24
N VAL B 272 24.30 2.65 -11.87
CA VAL B 272 25.30 2.79 -12.91
C VAL B 272 24.63 2.24 -14.14
N SER B 273 24.68 3.00 -15.22
CA SER B 273 24.08 2.55 -16.45
C SER B 273 25.06 2.59 -17.65
N GLY B 274 24.92 1.58 -18.53
CA GLY B 274 25.73 1.50 -19.74
C GLY B 274 24.82 1.67 -20.95
N SER B 275 25.27 2.40 -21.96
CA SER B 275 24.42 2.66 -23.11
C SER B 275 25.11 2.54 -24.47
N LEU B 276 24.31 2.38 -25.51
CA LEU B 276 24.78 2.28 -26.88
C LEU B 276 25.34 3.62 -27.31
N ASP B 277 25.09 4.66 -26.53
CA ASP B 277 25.65 5.99 -26.86
C ASP B 277 27.13 6.07 -26.50
N ARG B 278 27.69 4.93 -26.13
CA ARG B 278 29.11 4.79 -25.80
C ARG B 278 29.52 5.32 -24.43
N SER B 279 28.56 5.66 -23.59
CA SER B 279 28.91 6.17 -22.27
C SER B 279 28.39 5.30 -21.14
N VAL B 280 28.98 5.51 -19.97
CA VAL B 280 28.55 4.85 -18.74
C VAL B 280 28.12 6.04 -17.88
N LYS B 281 27.12 5.87 -17.04
CA LYS B 281 26.74 6.99 -16.16
C LYS B 281 26.52 6.58 -14.70
N LEU B 282 26.86 7.49 -13.79
CA LEU B 282 26.66 7.25 -12.37
C LEU B 282 25.55 8.18 -11.97
N TRP B 283 24.46 7.62 -11.44
CA TRP B 283 23.31 8.43 -11.04
C TRP B 283 23.11 8.37 -9.53
N ASN B 284 22.97 9.54 -8.91
CA ASN B 284 22.72 9.65 -7.47
C ASN B 284 21.21 9.63 -7.28
N LEU B 285 20.70 8.71 -6.46
CA LEU B 285 19.26 8.63 -6.25
C LEU B 285 18.78 9.64 -5.20
N THR B 301 19.60 12.42 -10.62
CA THR B 301 20.63 13.33 -11.14
C THR B 301 21.93 12.59 -11.53
N CYS B 302 22.50 12.97 -12.67
CA CYS B 302 23.73 12.34 -13.18
C CYS B 302 25.02 12.98 -12.64
N GLU B 303 25.72 12.27 -11.77
CA GLU B 303 26.95 12.77 -11.17
C GLU B 303 28.18 12.63 -12.08
N VAL B 304 28.30 11.49 -12.76
CA VAL B 304 29.44 11.27 -13.64
C VAL B 304 29.10 10.56 -14.96
N THR B 305 29.67 11.06 -16.04
CA THR B 305 29.51 10.44 -17.35
C THR B 305 30.95 10.05 -17.73
N TYR B 306 31.19 8.74 -17.76
CA TYR B 306 32.50 8.23 -18.10
C TYR B 306 32.58 8.11 -19.62
N ILE B 307 33.56 8.79 -20.20
CA ILE B 307 33.75 8.80 -21.64
C ILE B 307 35.07 8.12 -21.97
N GLY B 308 35.02 7.22 -22.95
CA GLY B 308 36.24 6.54 -23.36
C GLY B 308 36.06 5.43 -24.38
N HIS B 309 34.97 4.68 -24.25
CA HIS B 309 34.65 3.61 -25.19
C HIS B 309 34.37 4.16 -26.57
N LYS B 310 34.81 3.39 -27.58
CA LYS B 310 34.65 3.76 -28.97
C LYS B 310 33.49 3.10 -29.65
N ASP B 311 32.69 2.33 -28.92
CA ASP B 311 31.51 1.68 -29.49
C ASP B 311 30.51 1.40 -28.38
N PHE B 312 29.42 0.69 -28.69
CA PHE B 312 28.37 0.35 -27.70
C PHE B 312 28.86 -0.16 -26.32
N VAL B 313 28.31 0.39 -25.26
CA VAL B 313 28.66 -0.11 -23.94
C VAL B 313 27.54 -1.12 -23.70
N LEU B 314 27.94 -2.36 -23.41
CA LEU B 314 26.98 -3.41 -23.23
C LEU B 314 26.79 -3.94 -21.82
N SER B 315 27.74 -3.68 -20.93
CA SER B 315 27.67 -4.20 -19.58
C SER B 315 28.53 -3.42 -18.60
N VAL B 316 28.01 -3.25 -17.39
CA VAL B 316 28.75 -2.53 -16.35
C VAL B 316 28.66 -3.33 -15.06
N ALA B 317 29.57 -3.03 -14.14
CA ALA B 317 29.60 -3.69 -12.84
C ALA B 317 30.48 -2.79 -11.99
N THR B 318 30.44 -2.97 -10.68
CA THR B 318 31.32 -2.18 -9.81
C THR B 318 32.06 -3.18 -8.92
N THR B 319 33.30 -2.82 -8.57
CA THR B 319 34.13 -3.65 -7.70
C THR B 319 33.72 -3.42 -6.25
N GLN B 320 34.33 -4.15 -5.32
CA GLN B 320 33.96 -3.99 -3.91
C GLN B 320 34.17 -2.56 -3.42
N ASN B 321 33.21 -2.09 -2.63
CA ASN B 321 33.22 -0.74 -2.10
C ASN B 321 33.14 0.29 -3.23
N ASP B 322 32.56 -0.15 -4.32
CA ASP B 322 32.34 0.69 -5.50
C ASP B 322 33.50 1.63 -5.84
N GLU B 323 34.71 1.18 -5.55
CA GLU B 323 35.88 1.99 -5.84
C GLU B 323 36.10 2.17 -7.35
N TYR B 324 35.93 1.08 -8.11
CA TYR B 324 36.08 1.13 -9.57
C TYR B 324 34.82 0.69 -10.29
N ILE B 325 34.64 1.16 -11.51
CA ILE B 325 33.52 0.74 -12.34
C ILE B 325 34.14 0.04 -13.55
N LEU B 326 33.60 -1.13 -13.90
CA LEU B 326 34.13 -1.86 -15.05
C LEU B 326 33.07 -1.88 -16.12
N SER B 327 33.48 -1.66 -17.37
CA SER B 327 32.51 -1.69 -18.46
C SER B 327 33.03 -2.50 -19.64
N GLY B 328 32.12 -3.27 -20.23
CA GLY B 328 32.48 -4.08 -21.38
C GLY B 328 31.83 -3.42 -22.56
N SER B 329 32.49 -3.50 -23.71
CA SER B 329 31.96 -2.85 -24.89
C SER B 329 32.12 -3.64 -26.18
N LYS B 330 31.39 -3.20 -27.20
CA LYS B 330 31.46 -3.79 -28.51
C LYS B 330 32.84 -3.45 -29.09
N ASP B 331 33.56 -2.51 -28.48
CA ASP B 331 34.88 -2.18 -28.97
C ASP B 331 35.84 -3.27 -28.49
N ARG B 332 35.25 -4.35 -27.98
CA ARG B 332 36.03 -5.50 -27.57
C ARG B 332 36.86 -5.33 -26.30
N GLY B 333 36.81 -4.14 -25.70
CA GLY B 333 37.56 -3.92 -24.47
C GLY B 333 36.75 -3.84 -23.19
N VAL B 334 37.48 -3.81 -22.09
CA VAL B 334 36.89 -3.65 -20.78
C VAL B 334 37.63 -2.45 -20.18
N LEU B 335 36.90 -1.43 -19.77
CA LEU B 335 37.55 -0.27 -19.17
C LEU B 335 37.38 -0.32 -17.66
N PHE B 336 38.42 0.11 -16.96
CA PHE B 336 38.40 0.22 -15.50
C PHE B 336 38.29 1.71 -15.28
N TRP B 337 37.30 2.15 -14.51
CA TRP B 337 37.13 3.58 -14.25
C TRP B 337 37.23 3.89 -12.77
N ASP B 338 37.91 5.00 -12.46
CA ASP B 338 38.00 5.46 -11.09
C ASP B 338 36.61 6.08 -10.94
N LYS B 339 35.74 5.44 -10.16
CA LYS B 339 34.38 5.92 -9.97
C LYS B 339 34.23 7.42 -9.64
N LYS B 340 35.01 7.88 -8.67
CA LYS B 340 34.94 9.28 -8.23
C LYS B 340 35.33 10.36 -9.26
N SER B 341 36.47 10.19 -9.92
CA SER B 341 36.92 11.19 -10.88
C SER B 341 36.40 11.01 -12.29
N GLY B 342 36.06 9.77 -12.66
CA GLY B 342 35.58 9.52 -14.01
C GLY B 342 36.72 9.24 -14.99
N ASN B 343 37.95 9.23 -14.49
CA ASN B 343 39.12 8.95 -15.34
C ASN B 343 39.27 7.48 -15.67
N PRO B 344 39.51 7.15 -16.92
CA PRO B 344 39.67 5.74 -17.23
C PRO B 344 41.10 5.35 -16.76
N LEU B 345 41.24 4.26 -16.01
CA LEU B 345 42.56 3.84 -15.52
C LEU B 345 43.30 2.97 -16.53
N LEU B 346 42.60 2.03 -17.16
CA LEU B 346 43.21 1.13 -18.13
C LEU B 346 42.18 0.39 -18.96
N MET B 347 42.59 0.09 -20.19
CA MET B 347 41.78 -0.61 -21.16
C MET B 347 42.33 -2.02 -21.34
N LEU B 348 41.49 -3.02 -21.07
CA LEU B 348 41.89 -4.40 -21.23
C LEU B 348 41.31 -4.94 -22.54
N GLN B 349 42.19 -5.32 -23.46
CA GLN B 349 41.74 -5.92 -24.72
C GLN B 349 42.02 -7.42 -24.60
N GLY B 350 41.00 -8.17 -24.19
CA GLY B 350 41.21 -9.60 -24.01
C GLY B 350 40.25 -10.53 -24.73
N HIS B 351 39.65 -10.02 -25.79
CA HIS B 351 38.72 -10.79 -26.58
C HIS B 351 38.82 -10.39 -28.06
N ARG B 352 38.40 -11.26 -28.97
CA ARG B 352 38.46 -10.94 -30.38
C ARG B 352 37.13 -10.41 -30.92
N ASN B 353 36.20 -10.17 -30.01
CA ASN B 353 34.91 -9.65 -30.40
C ASN B 353 34.30 -8.94 -29.19
N SER B 354 33.06 -8.49 -29.35
CA SER B 354 32.33 -7.77 -28.31
C SER B 354 32.30 -8.38 -26.89
N VAL B 355 32.56 -7.53 -25.91
CA VAL B 355 32.45 -7.99 -24.53
C VAL B 355 30.99 -7.71 -24.22
N ILE B 356 30.20 -8.78 -24.17
CA ILE B 356 28.76 -8.69 -23.96
C ILE B 356 28.34 -8.66 -22.49
N SER B 357 29.15 -9.25 -21.62
CA SER B 357 28.80 -9.33 -20.20
C SER B 357 30.05 -9.25 -19.33
N VAL B 358 29.91 -8.54 -18.23
CA VAL B 358 30.97 -8.37 -17.26
C VAL B 358 30.39 -8.64 -15.88
N ALA B 359 31.10 -9.41 -15.07
CA ALA B 359 30.63 -9.68 -13.72
C ALA B 359 31.83 -9.60 -12.77
N VAL B 360 31.56 -9.20 -11.54
CA VAL B 360 32.59 -9.09 -10.52
C VAL B 360 32.25 -10.05 -9.39
N ALA B 361 33.26 -10.66 -8.81
CA ALA B 361 33.06 -11.63 -7.73
C ALA B 361 33.12 -11.02 -6.34
N ASN B 362 32.35 -11.57 -5.41
CA ASN B 362 32.39 -11.12 -4.02
C ASN B 362 33.36 -12.12 -3.42
N GLY B 363 33.72 -11.92 -2.17
CA GLY B 363 34.64 -12.84 -1.51
C GLY B 363 36.04 -12.74 -2.08
N SER B 364 36.75 -13.86 -2.06
CA SER B 364 38.11 -13.94 -2.58
C SER B 364 38.50 -15.41 -2.71
N SER B 365 37.96 -16.07 -3.73
CA SER B 365 38.22 -17.48 -3.96
C SER B 365 39.66 -17.73 -4.35
N LEU B 366 40.31 -16.74 -4.97
CA LEU B 366 41.69 -16.92 -5.39
C LEU B 366 42.71 -16.42 -4.38
N GLY B 367 42.26 -16.21 -3.13
CA GLY B 367 43.14 -15.70 -2.09
C GLY B 367 42.75 -14.29 -1.70
N PRO B 368 43.22 -13.78 -0.55
CA PRO B 368 42.89 -12.42 -0.09
C PRO B 368 43.64 -11.33 -0.87
N GLU B 369 44.62 -11.73 -1.68
CA GLU B 369 45.39 -10.76 -2.45
C GLU B 369 44.80 -10.47 -3.82
N TYR B 370 43.71 -11.14 -4.19
CA TYR B 370 43.12 -10.94 -5.50
C TYR B 370 41.63 -10.62 -5.59
N ASN B 371 41.29 -9.81 -6.58
CA ASN B 371 39.90 -9.51 -6.86
C ASN B 371 39.66 -10.16 -8.20
N VAL B 372 38.50 -10.78 -8.33
CA VAL B 372 38.16 -11.52 -9.53
C VAL B 372 36.98 -10.93 -10.27
N PHE B 373 37.06 -10.96 -11.59
CA PHE B 373 35.98 -10.52 -12.43
C PHE B 373 35.99 -11.41 -13.65
N ALA B 374 34.88 -11.43 -14.39
CA ALA B 374 34.80 -12.30 -15.55
C ALA B 374 34.13 -11.58 -16.71
N THR B 375 34.46 -12.03 -17.92
CA THR B 375 33.88 -11.50 -19.16
C THR B 375 33.31 -12.59 -20.07
N GLY B 376 32.21 -12.26 -20.74
CA GLY B 376 31.58 -13.16 -21.68
C GLY B 376 31.66 -12.43 -23.00
N SER B 377 32.10 -13.11 -24.06
CA SER B 377 32.21 -12.43 -25.34
C SER B 377 31.55 -13.11 -26.54
N GLY B 378 31.48 -12.34 -27.61
CA GLY B 378 30.93 -12.82 -28.86
C GLY B 378 32.01 -13.69 -29.51
N ASP B 379 33.23 -13.69 -28.95
CA ASP B 379 34.23 -14.55 -29.55
C ASP B 379 34.11 -15.98 -29.02
N CYS B 380 33.00 -16.26 -28.33
CA CYS B 380 32.70 -17.59 -27.79
C CYS B 380 33.55 -18.05 -26.61
N LYS B 381 34.21 -17.11 -25.96
CA LYS B 381 34.99 -17.46 -24.80
C LYS B 381 34.52 -16.66 -23.58
N ALA B 382 34.62 -17.28 -22.40
CA ALA B 382 34.31 -16.62 -21.15
C ALA B 382 35.65 -16.67 -20.44
N ARG B 383 36.10 -15.53 -19.92
CA ARG B 383 37.37 -15.54 -19.21
C ARG B 383 37.24 -15.04 -17.78
N ILE B 384 38.04 -15.63 -16.89
CA ILE B 384 38.09 -15.26 -15.50
C ILE B 384 39.39 -14.50 -15.34
N TRP B 385 39.32 -13.29 -14.83
CA TRP B 385 40.50 -12.45 -14.64
C TRP B 385 40.75 -12.15 -13.16
N LYS B 386 41.99 -11.78 -12.85
CA LYS B 386 42.38 -11.44 -11.49
C LYS B 386 43.27 -10.17 -11.48
N TYR B 387 42.92 -9.16 -10.68
CA TYR B 387 43.74 -7.94 -10.61
C TYR B 387 44.16 -7.61 -9.20
N LYS B 388 45.33 -7.00 -9.05
CA LYS B 388 45.84 -6.66 -7.71
C LYS B 388 46.52 -5.30 -7.69
N LYS B 389 46.49 -4.64 -6.53
CA LYS B 389 47.12 -3.33 -6.35
C LYS B 389 48.60 -3.52 -6.57
N ILE B 390 49.32 -2.46 -6.89
CA ILE B 390 50.75 -2.57 -7.11
C ILE B 390 51.48 -1.32 -6.65
N HIS C 3 -35.10 24.73 -26.76
CA HIS C 3 -34.24 25.08 -25.59
C HIS C 3 -32.99 24.23 -25.52
N TYR C 4 -31.87 24.89 -25.27
CA TYR C 4 -30.56 24.26 -25.20
C TYR C 4 -30.39 23.15 -24.18
N LEU C 5 -29.69 22.10 -24.61
CA LEU C 5 -29.38 20.95 -23.77
C LEU C 5 -27.97 20.55 -24.15
N VAL C 6 -27.23 19.98 -23.20
CA VAL C 6 -25.87 19.58 -23.49
C VAL C 6 -25.89 18.24 -24.24
N PRO C 7 -25.30 18.22 -25.44
CA PRO C 7 -25.24 16.99 -26.27
C PRO C 7 -24.35 15.99 -25.55
N TYR C 8 -24.80 14.75 -25.42
CA TYR C 8 -24.05 13.70 -24.75
C TYR C 8 -22.60 13.60 -25.21
N ASN C 9 -22.36 14.04 -26.44
CA ASN C 9 -21.04 13.99 -27.05
C ASN C 9 -20.12 15.16 -26.67
N GLN C 10 -20.68 16.20 -26.05
CA GLN C 10 -19.89 17.34 -25.65
C GLN C 10 -19.86 17.58 -24.14
N ARG C 11 -20.22 16.56 -23.38
CA ARG C 11 -20.24 16.64 -21.93
C ARG C 11 -18.89 17.09 -21.37
N ALA C 12 -17.81 16.44 -21.80
CA ALA C 12 -16.47 16.77 -21.32
C ALA C 12 -15.96 18.09 -21.86
N ASN C 13 -16.50 18.50 -23.00
CA ASN C 13 -16.11 19.71 -23.67
C ASN C 13 -16.09 20.95 -22.78
N HIS C 14 -14.91 21.53 -22.62
CA HIS C 14 -14.74 22.71 -21.78
C HIS C 14 -15.29 23.99 -22.39
N SER C 15 -15.30 24.08 -23.71
CA SER C 15 -15.75 25.30 -24.35
C SER C 15 -17.18 25.41 -24.85
N LYS C 16 -18.14 24.76 -24.18
CA LYS C 16 -19.51 24.92 -24.64
C LYS C 16 -20.06 26.23 -24.10
N PRO C 17 -21.17 26.71 -24.66
CA PRO C 17 -21.77 27.98 -24.22
C PRO C 17 -22.58 27.92 -22.92
N ILE C 18 -22.81 29.10 -22.35
CA ILE C 18 -23.62 29.22 -21.14
C ILE C 18 -25.05 29.01 -21.60
N PRO C 19 -25.82 28.14 -20.93
CA PRO C 19 -27.21 27.98 -21.37
C PRO C 19 -27.93 29.34 -21.32
N PRO C 20 -28.70 29.68 -22.36
CA PRO C 20 -29.44 30.95 -22.47
C PRO C 20 -30.22 31.37 -21.23
N PHE C 21 -30.85 30.43 -20.54
CA PHE C 21 -31.62 30.78 -19.35
C PHE C 21 -30.73 31.24 -18.19
N LEU C 22 -29.42 31.14 -18.36
CA LEU C 22 -28.49 31.57 -17.33
C LEU C 22 -27.69 32.81 -17.76
N LEU C 23 -27.92 33.30 -18.97
CA LEU C 23 -27.21 34.48 -19.45
C LEU C 23 -27.66 35.73 -18.71
N ASP C 24 -28.91 35.74 -18.26
CA ASP C 24 -29.42 36.88 -17.51
C ASP C 24 -30.07 36.37 -16.22
N LEU C 25 -29.40 36.59 -15.10
CA LEU C 25 -29.91 36.14 -13.81
C LEU C 25 -31.04 37.00 -13.23
N ASP C 26 -31.53 37.95 -14.02
CA ASP C 26 -32.63 38.83 -13.60
C ASP C 26 -33.92 38.01 -13.47
N SER C 27 -34.52 38.04 -12.28
CA SER C 27 -35.75 37.30 -12.02
C SER C 27 -37.02 38.00 -12.49
N GLN C 28 -36.92 39.29 -12.77
CA GLN C 28 -38.09 40.07 -13.20
C GLN C 28 -38.31 40.09 -14.72
N SER C 29 -38.05 38.97 -15.39
CA SER C 29 -38.24 38.89 -16.83
C SER C 29 -38.74 37.50 -17.23
N VAL C 30 -38.28 36.51 -16.49
CA VAL C 30 -38.64 35.12 -16.73
C VAL C 30 -40.08 34.85 -16.35
N PRO C 31 -40.77 34.00 -17.13
CA PRO C 31 -42.16 33.62 -16.87
C PRO C 31 -42.29 32.94 -15.51
N ASP C 32 -43.44 33.11 -14.86
CA ASP C 32 -43.67 32.51 -13.56
C ASP C 32 -43.58 31.00 -13.52
N ALA C 33 -43.81 30.35 -14.64
CA ALA C 33 -43.75 28.89 -14.68
C ALA C 33 -42.30 28.40 -14.66
N LEU C 34 -41.35 29.30 -14.93
CA LEU C 34 -39.95 28.92 -14.93
C LEU C 34 -39.17 29.47 -13.74
N LYS C 35 -39.88 29.98 -12.74
CA LYS C 35 -39.20 30.50 -11.57
C LYS C 35 -40.03 30.35 -10.32
N LYS C 36 -39.39 30.57 -9.18
CA LYS C 36 -40.06 30.51 -7.90
C LYS C 36 -39.43 31.66 -7.12
N GLN C 37 -40.26 32.61 -6.71
CA GLN C 37 -39.73 33.73 -5.97
C GLN C 37 -40.42 33.97 -4.64
N THR C 38 -39.64 34.34 -3.64
CA THR C 38 -40.16 34.66 -2.33
C THR C 38 -39.38 35.90 -1.96
N ASN C 39 -39.63 36.46 -0.79
CA ASN C 39 -38.87 37.65 -0.41
C ASN C 39 -37.44 37.30 -0.05
N ASP C 40 -37.19 36.03 0.29
CA ASP C 40 -35.85 35.61 0.68
C ASP C 40 -34.95 35.01 -0.38
N TYR C 41 -35.53 34.59 -1.51
CA TYR C 41 -34.72 33.95 -2.56
C TYR C 41 -35.56 33.66 -3.79
N TYR C 42 -34.89 33.38 -4.89
CA TYR C 42 -35.63 33.01 -6.07
C TYR C 42 -34.88 31.91 -6.80
N ILE C 43 -35.63 31.10 -7.55
CA ILE C 43 -35.06 29.99 -8.30
C ILE C 43 -35.38 30.14 -9.77
N LEU C 44 -34.40 29.85 -10.61
CA LEU C 44 -34.60 29.88 -12.06
C LEU C 44 -34.53 28.42 -12.49
N TYR C 45 -35.53 27.95 -13.22
CA TYR C 45 -35.54 26.56 -13.68
C TYR C 45 -35.16 26.43 -15.15
N ASN C 46 -34.46 25.34 -15.49
CA ASN C 46 -34.07 25.14 -16.89
C ASN C 46 -35.35 24.89 -17.70
N PRO C 47 -35.60 25.74 -18.70
CA PRO C 47 -36.81 25.58 -19.53
C PRO C 47 -36.83 24.36 -20.43
N ALA C 48 -35.70 23.66 -20.56
CA ALA C 48 -35.65 22.50 -21.44
C ALA C 48 -35.95 21.20 -20.72
N LEU C 49 -36.14 21.25 -19.42
CA LEU C 49 -36.38 20.03 -18.67
C LEU C 49 -37.61 20.14 -17.82
N PRO C 50 -38.15 19.00 -17.39
CA PRO C 50 -39.35 19.15 -16.57
C PRO C 50 -38.89 19.73 -15.22
N ARG C 51 -39.80 20.35 -14.51
CA ARG C 51 -39.50 20.92 -13.21
C ARG C 51 -39.82 19.82 -12.19
N GLU C 52 -38.79 19.15 -11.67
CA GLU C 52 -39.03 18.07 -10.71
C GLU C 52 -38.30 18.15 -9.37
N ILE C 53 -37.96 19.36 -8.93
CA ILE C 53 -37.27 19.57 -7.67
C ILE C 53 -37.70 20.88 -7.04
N ASP C 54 -38.17 20.85 -5.81
CA ASP C 54 -38.56 22.08 -5.15
C ASP C 54 -37.54 22.37 -4.06
N VAL C 55 -37.17 23.63 -3.88
CA VAL C 55 -36.21 24.01 -2.86
C VAL C 55 -36.85 25.00 -1.90
N GLU C 56 -36.65 24.80 -0.62
CA GLU C 56 -37.19 25.74 0.36
C GLU C 56 -36.14 26.10 1.39
N LEU C 57 -36.29 27.30 1.92
CA LEU C 57 -35.42 27.83 2.96
C LEU C 57 -35.93 27.28 4.28
N HIS C 58 -35.05 26.68 5.05
CA HIS C 58 -35.42 26.10 6.33
C HIS C 58 -35.05 27.05 7.48
N LYS C 59 -33.80 27.51 7.51
CA LYS C 59 -33.37 28.46 8.55
C LYS C 59 -32.30 29.37 8.02
N SER C 60 -32.36 30.62 8.45
CA SER C 60 -31.36 31.59 8.03
C SER C 60 -30.63 31.97 9.31
N LEU C 61 -29.31 31.81 9.34
CA LEU C 61 -28.53 32.10 10.54
C LEU C 61 -27.59 33.31 10.41
N ASP C 62 -27.82 34.34 11.23
CA ASP C 62 -26.99 35.55 11.20
C ASP C 62 -25.60 35.36 11.80
N HIS C 63 -24.62 35.95 11.15
CA HIS C 63 -23.23 35.92 11.61
C HIS C 63 -22.75 37.36 11.55
N THR C 64 -21.82 37.72 12.38
CA THR C 64 -21.36 39.11 12.33
C THR C 64 -20.17 39.33 11.41
N SER C 65 -19.88 38.34 10.56
CA SER C 65 -18.79 38.44 9.61
C SER C 65 -19.05 37.40 8.52
N VAL C 66 -18.23 37.43 7.47
CA VAL C 66 -18.36 36.52 6.35
C VAL C 66 -18.30 35.05 6.80
N VAL C 67 -19.21 34.22 6.30
CA VAL C 67 -19.21 32.82 6.67
C VAL C 67 -18.31 32.09 5.68
N CYS C 68 -17.14 31.68 6.16
CA CYS C 68 -16.14 31.02 5.31
C CYS C 68 -16.37 29.55 5.04
N CYS C 69 -17.11 28.89 5.91
CA CYS C 69 -17.32 27.48 5.73
C CYS C 69 -18.47 26.92 6.54
N VAL C 70 -19.13 25.93 5.96
CA VAL C 70 -20.24 25.26 6.58
C VAL C 70 -20.02 23.77 6.36
N LYS C 71 -20.38 22.96 7.35
CA LYS C 71 -20.21 21.53 7.24
C LYS C 71 -21.19 20.82 8.16
N PHE C 72 -21.78 19.73 7.69
CA PHE C 72 -22.68 18.98 8.53
C PHE C 72 -21.91 17.87 9.25
N SER C 73 -22.43 17.44 10.38
CA SER C 73 -21.84 16.32 11.13
C SER C 73 -22.20 15.10 10.26
N ASN C 74 -21.52 13.98 10.49
CA ASN C 74 -21.73 12.76 9.73
C ASN C 74 -23.17 12.28 9.76
N ASP C 75 -23.83 12.41 10.91
CA ASP C 75 -25.20 11.95 11.03
C ASP C 75 -26.20 12.93 10.46
N GLY C 76 -25.73 14.12 10.10
CA GLY C 76 -26.61 15.13 9.52
C GLY C 76 -27.44 15.90 10.53
N GLU C 77 -27.20 15.66 11.81
CA GLU C 77 -27.98 16.35 12.84
C GLU C 77 -27.45 17.73 13.21
N TYR C 78 -26.19 18.01 12.87
CA TYR C 78 -25.60 19.30 13.20
C TYR C 78 -24.88 20.00 12.06
N LEU C 79 -24.85 21.32 12.15
CA LEU C 79 -24.17 22.14 11.17
C LEU C 79 -23.19 23.02 11.93
N ALA C 80 -21.96 23.04 11.44
CA ALA C 80 -20.94 23.90 12.04
C ALA C 80 -20.61 24.98 11.01
N THR C 81 -20.40 26.21 11.48
CA THR C 81 -20.02 27.28 10.57
C THR C 81 -18.79 27.91 11.17
N GLY C 82 -18.02 28.56 10.31
CA GLY C 82 -16.83 29.23 10.74
C GLY C 82 -16.87 30.62 10.14
N CYS C 83 -16.48 31.61 10.93
CA CYS C 83 -16.43 32.98 10.45
C CYS C 83 -15.24 33.64 11.13
N ASN C 84 -15.31 34.95 11.36
CA ASN C 84 -14.23 35.65 12.01
C ASN C 84 -14.19 35.35 13.52
N LYS C 85 -13.06 34.81 13.98
CA LYS C 85 -12.86 34.46 15.41
C LYS C 85 -13.67 33.33 16.00
N THR C 86 -14.97 33.28 15.73
CA THR C 86 -15.80 32.23 16.30
C THR C 86 -16.24 31.12 15.34
N THR C 87 -16.43 29.94 15.91
CA THR C 87 -16.92 28.77 15.20
C THR C 87 -18.24 28.43 15.89
N GLN C 88 -19.27 28.07 15.15
CA GLN C 88 -20.51 27.73 15.82
C GLN C 88 -21.15 26.43 15.36
N VAL C 89 -21.88 25.80 16.29
CA VAL C 89 -22.59 24.55 16.06
C VAL C 89 -24.09 24.78 16.23
N TYR C 90 -24.88 24.40 15.22
CA TYR C 90 -26.33 24.57 15.24
C TYR C 90 -27.03 23.22 15.10
N ARG C 91 -28.21 23.10 15.70
CA ARG C 91 -28.99 21.88 15.54
C ARG C 91 -29.77 22.14 14.27
N VAL C 92 -29.66 21.22 13.33
CA VAL C 92 -30.32 21.36 12.05
C VAL C 92 -31.84 21.40 12.05
N SER C 93 -32.46 20.48 12.78
CA SER C 93 -33.92 20.40 12.83
C SER C 93 -34.64 21.69 13.16
N ASP C 94 -34.12 22.45 14.12
CA ASP C 94 -34.79 23.69 14.50
C ASP C 94 -33.87 24.90 14.43
N GLY C 95 -32.68 24.69 13.86
CA GLY C 95 -31.72 25.77 13.71
C GLY C 95 -31.23 26.42 14.99
N SER C 96 -31.41 25.78 16.14
CA SER C 96 -30.97 26.36 17.41
C SER C 96 -29.46 26.30 17.61
N LEU C 97 -28.94 27.33 18.27
CA LEU C 97 -27.53 27.44 18.56
C LEU C 97 -27.16 26.53 19.72
N VAL C 98 -26.29 25.56 19.45
CA VAL C 98 -25.84 24.60 20.44
C VAL C 98 -24.58 25.10 21.15
N ALA C 99 -23.68 25.71 20.40
CA ALA C 99 -22.46 26.25 20.99
C ALA C 99 -21.70 27.20 20.08
N ARG C 100 -21.09 28.21 20.68
CA ARG C 100 -20.29 29.15 19.93
C ARG C 100 -18.93 29.03 20.60
N LEU C 101 -17.94 28.56 19.85
CA LEU C 101 -16.59 28.36 20.36
C LEU C 101 -15.62 29.44 19.95
N SER C 102 -14.90 29.95 20.94
CA SER C 102 -13.92 31.00 20.71
C SER C 102 -12.72 30.78 21.62
N ASP C 103 -11.51 30.88 21.07
CA ASP C 103 -10.31 30.68 21.86
C ASP C 103 -9.95 31.97 22.57
N ASP C 104 -10.12 31.98 23.88
CA ASP C 104 -9.83 33.17 24.69
C ASP C 104 -8.35 33.19 25.08
N SER C 122 -7.59 43.10 14.40
CA SER C 122 -6.97 41.82 14.75
C SER C 122 -7.87 40.64 14.38
N ASP C 123 -8.23 40.56 13.10
CA ASP C 123 -9.06 39.48 12.60
C ASP C 123 -8.37 38.12 12.67
N LEU C 124 -9.16 37.07 12.89
CA LEU C 124 -8.65 35.72 12.94
C LEU C 124 -9.76 34.85 12.36
N TYR C 125 -9.83 34.78 11.04
CA TYR C 125 -10.85 33.97 10.44
C TYR C 125 -10.63 32.46 10.58
N ILE C 126 -11.73 31.74 10.76
CA ILE C 126 -11.72 30.29 10.85
C ILE C 126 -12.08 29.88 9.43
N ARG C 127 -11.07 29.49 8.66
CA ARG C 127 -11.21 29.09 7.26
C ARG C 127 -11.87 27.76 6.99
N SER C 128 -11.64 26.79 7.87
CA SER C 128 -12.22 25.47 7.66
C SER C 128 -12.61 24.79 8.95
N VAL C 129 -13.68 24.02 8.89
CA VAL C 129 -14.15 23.28 10.05
C VAL C 129 -14.51 21.88 9.60
N CYS C 130 -14.48 20.93 10.53
CA CYS C 130 -14.85 19.57 10.21
C CYS C 130 -15.14 18.79 11.49
N PHE C 131 -16.25 18.07 11.51
CA PHE C 131 -16.61 17.24 12.66
C PHE C 131 -15.84 15.94 12.54
N SER C 132 -15.53 15.33 13.68
CA SER C 132 -14.88 14.01 13.68
C SER C 132 -16.04 13.05 13.33
N PRO C 133 -15.73 11.85 12.82
CA PRO C 133 -16.78 10.88 12.45
C PRO C 133 -17.86 10.60 13.50
N ASP C 134 -17.47 10.58 14.77
CA ASP C 134 -18.45 10.32 15.81
C ASP C 134 -19.19 11.57 16.33
N GLY C 135 -18.91 12.72 15.72
CA GLY C 135 -19.57 13.96 16.11
C GLY C 135 -19.22 14.56 17.47
N LYS C 136 -18.21 14.03 18.13
CA LYS C 136 -17.86 14.58 19.44
C LYS C 136 -16.86 15.73 19.35
N PHE C 137 -16.04 15.71 18.31
CA PHE C 137 -15.03 16.75 18.15
C PHE C 137 -15.21 17.59 16.91
N LEU C 138 -14.68 18.80 16.97
CA LEU C 138 -14.73 19.73 15.85
C LEU C 138 -13.33 20.30 15.60
N ALA C 139 -12.79 20.07 14.41
CA ALA C 139 -11.47 20.59 14.10
C ALA C 139 -11.64 21.89 13.34
N THR C 140 -10.84 22.89 13.68
CA THR C 140 -10.89 24.18 12.99
C THR C 140 -9.51 24.57 12.53
N GLY C 141 -9.46 25.25 11.39
CA GLY C 141 -8.21 25.75 10.85
C GLY C 141 -8.34 27.26 10.73
N ALA C 142 -7.43 28.00 11.36
CA ALA C 142 -7.49 29.45 11.35
C ALA C 142 -6.28 30.12 10.70
N GLU C 143 -6.34 31.44 10.58
CA GLU C 143 -5.26 32.21 9.96
C GLU C 143 -4.03 32.37 10.85
N ASP C 144 -4.11 31.91 12.09
CA ASP C 144 -2.95 31.97 12.96
C ASP C 144 -2.10 30.72 12.73
N ARG C 145 -2.42 29.95 11.69
CA ARG C 145 -1.66 28.75 11.33
C ARG C 145 -1.86 27.56 12.27
N LEU C 146 -2.82 27.68 13.18
CA LEU C 146 -3.07 26.60 14.09
C LEU C 146 -4.34 25.80 13.75
N ILE C 147 -4.30 24.51 14.08
CA ILE C 147 -5.43 23.63 13.93
C ILE C 147 -5.83 23.30 15.37
N ARG C 148 -7.07 23.63 15.72
CA ARG C 148 -7.60 23.36 17.04
C ARG C 148 -8.68 22.29 16.99
N ILE C 149 -8.61 21.35 17.93
CA ILE C 149 -9.60 20.30 18.01
C ILE C 149 -10.45 20.59 19.25
N TRP C 150 -11.73 20.87 19.04
CA TRP C 150 -12.61 21.16 20.16
C TRP C 150 -13.47 19.99 20.60
N ASP C 151 -13.64 19.89 21.92
CA ASP C 151 -14.50 18.90 22.53
C ASP C 151 -15.79 19.70 22.59
N ILE C 152 -16.78 19.34 21.77
CA ILE C 152 -18.00 20.12 21.71
C ILE C 152 -18.78 20.15 23.02
N GLU C 153 -18.91 18.99 23.65
CA GLU C 153 -19.60 18.88 24.91
C GLU C 153 -19.07 19.88 25.92
N ASN C 154 -17.81 19.70 26.28
CA ASN C 154 -17.15 20.55 27.26
C ASN C 154 -16.72 21.94 26.81
N ARG C 155 -17.00 22.29 25.55
CA ARG C 155 -16.61 23.61 25.05
C ARG C 155 -15.13 23.91 25.40
N LYS C 156 -14.27 22.92 25.15
CA LYS C 156 -12.85 23.06 25.42
C LYS C 156 -11.93 22.52 24.33
N ILE C 157 -10.77 23.17 24.16
CA ILE C 157 -9.79 22.70 23.18
C ILE C 157 -9.00 21.56 23.80
N VAL C 158 -9.00 20.40 23.16
CA VAL C 158 -8.27 19.25 23.70
C VAL C 158 -6.94 18.99 22.99
N MET C 159 -6.67 19.67 21.89
CA MET C 159 -5.43 19.48 21.16
C MET C 159 -5.19 20.59 20.14
N ILE C 160 -3.94 21.00 20.04
CA ILE C 160 -3.57 22.04 19.09
C ILE C 160 -2.48 21.46 18.20
N LEU C 161 -2.67 21.54 16.88
CA LEU C 161 -1.70 21.02 15.92
C LEU C 161 -0.95 22.19 15.30
N GLN C 162 0.35 22.17 15.50
CA GLN C 162 1.22 23.25 15.05
C GLN C 162 2.25 22.78 14.02
N GLY C 163 2.53 23.63 13.03
CA GLY C 163 3.48 23.23 12.00
C GLY C 163 3.32 23.95 10.68
N HIS C 164 2.08 24.27 10.31
CA HIS C 164 1.86 25.01 9.06
C HIS C 164 2.48 26.39 9.10
N GLU C 165 2.89 26.89 7.95
CA GLU C 165 3.52 28.19 7.86
C GLU C 165 2.73 29.27 7.14
N GLN C 166 1.42 29.03 6.98
CA GLN C 166 0.52 30.00 6.37
C GLN C 166 -0.90 29.56 6.72
N ASP C 167 -1.88 30.33 6.24
CA ASP C 167 -3.26 30.06 6.52
C ASP C 167 -3.64 28.64 6.16
N ILE C 168 -4.51 28.06 6.98
CA ILE C 168 -5.01 26.72 6.76
C ILE C 168 -6.34 26.90 6.06
N TYR C 169 -6.40 26.52 4.78
CA TYR C 169 -7.63 26.67 4.00
C TYR C 169 -8.60 25.50 4.01
N SER C 170 -8.15 24.32 4.43
CA SER C 170 -9.04 23.18 4.37
C SER C 170 -8.55 22.04 5.29
N LEU C 171 -9.52 21.33 5.84
CA LEU C 171 -9.29 20.22 6.73
C LEU C 171 -10.35 19.16 6.39
N ASP C 172 -10.02 17.91 6.69
CA ASP C 172 -10.94 16.80 6.51
C ASP C 172 -10.44 15.64 7.36
N TYR C 173 -11.36 14.98 8.06
CA TYR C 173 -11.01 13.82 8.89
C TYR C 173 -10.98 12.55 8.07
N PHE C 174 -10.17 11.59 8.51
CA PHE C 174 -10.14 10.28 7.88
C PHE C 174 -11.31 9.57 8.53
N PRO C 175 -11.98 8.65 7.81
CA PRO C 175 -13.13 7.91 8.32
C PRO C 175 -12.88 7.23 9.66
N SER C 176 -11.63 6.80 9.90
CA SER C 176 -11.28 6.11 11.14
C SER C 176 -11.24 7.02 12.35
N GLY C 177 -11.24 8.33 12.13
CA GLY C 177 -11.22 9.28 13.22
C GLY C 177 -9.92 9.52 13.96
N ASP C 178 -8.85 8.84 13.58
CA ASP C 178 -7.59 9.04 14.29
C ASP C 178 -6.54 9.81 13.50
N LYS C 179 -6.94 10.30 12.32
CA LYS C 179 -6.05 11.08 11.47
C LYS C 179 -6.81 12.25 10.85
N LEU C 180 -6.07 13.29 10.53
CA LEU C 180 -6.64 14.48 9.96
C LEU C 180 -5.74 14.98 8.85
N VAL C 181 -6.33 15.45 7.76
CA VAL C 181 -5.54 16.01 6.69
C VAL C 181 -5.84 17.53 6.55
N SER C 182 -4.81 18.33 6.32
CA SER C 182 -4.95 19.77 6.19
C SER C 182 -4.25 20.32 4.94
N GLY C 183 -4.79 21.40 4.41
CA GLY C 183 -4.24 22.06 3.22
C GLY C 183 -3.92 23.51 3.56
N SER C 184 -2.75 23.99 3.16
CA SER C 184 -2.35 25.36 3.47
C SER C 184 -1.70 26.20 2.33
N GLY C 185 -1.71 27.51 2.55
CA GLY C 185 -1.09 28.42 1.62
C GLY C 185 0.42 28.24 1.67
N ASP C 186 0.93 27.45 2.62
CA ASP C 186 2.38 27.20 2.68
C ASP C 186 2.77 26.10 1.70
N ARG C 187 1.87 25.76 0.78
CA ARG C 187 2.15 24.76 -0.25
C ARG C 187 2.26 23.30 0.22
N THR C 188 1.72 22.99 1.38
CA THR C 188 1.79 21.62 1.84
C THR C 188 0.44 21.03 2.21
N VAL C 189 0.39 19.70 2.19
CA VAL C 189 -0.77 18.94 2.59
C VAL C 189 -0.18 18.12 3.74
N ARG C 190 -0.80 18.17 4.91
CA ARG C 190 -0.23 17.38 5.99
C ARG C 190 -1.21 16.42 6.60
N ILE C 191 -0.71 15.26 6.99
CA ILE C 191 -1.52 14.25 7.64
C ILE C 191 -1.09 14.23 9.11
N TRP C 192 -2.05 14.40 9.99
CA TRP C 192 -1.79 14.42 11.42
C TRP C 192 -2.32 13.18 12.14
N ASP C 193 -1.50 12.65 13.03
CA ASP C 193 -1.87 11.50 13.84
C ASP C 193 -2.53 12.05 15.11
N LEU C 194 -3.84 11.91 15.22
CA LEU C 194 -4.53 12.43 16.40
C LEU C 194 -4.27 11.62 17.67
N ARG C 195 -3.69 10.45 17.51
CA ARG C 195 -3.37 9.62 18.67
C ARG C 195 -2.14 10.17 19.34
N THR C 196 -1.15 10.59 18.54
CA THR C 196 0.10 11.13 19.06
C THR C 196 0.17 12.66 19.02
N GLY C 197 -0.75 13.27 18.28
CA GLY C 197 -0.77 14.73 18.15
C GLY C 197 0.34 15.26 17.28
N GLN C 198 0.97 14.39 16.49
CA GLN C 198 2.07 14.81 15.64
C GLN C 198 1.78 14.74 14.15
N CYS C 199 2.56 15.49 13.38
CA CYS C 199 2.44 15.51 11.93
C CYS C 199 3.14 14.23 11.43
N SER C 200 2.37 13.31 10.87
CA SER C 200 2.92 12.04 10.37
C SER C 200 3.49 12.12 8.96
N LEU C 201 2.93 12.98 8.12
CA LEU C 201 3.39 13.10 6.75
C LEU C 201 3.17 14.50 6.15
N THR C 202 4.16 14.96 5.40
CA THR C 202 4.12 16.26 4.78
C THR C 202 4.34 16.13 3.27
N LEU C 203 3.33 16.52 2.51
CA LEU C 203 3.41 16.48 1.07
C LEU C 203 3.59 17.92 0.61
N SER C 204 4.62 18.17 -0.18
CA SER C 204 4.90 19.50 -0.67
C SER C 204 4.69 19.62 -2.16
N ILE C 205 4.03 20.69 -2.59
CA ILE C 205 3.82 20.91 -4.01
C ILE C 205 4.35 22.31 -4.34
N GLU C 206 4.15 22.77 -5.57
CA GLU C 206 4.70 24.05 -6.00
C GLU C 206 3.91 25.31 -5.64
N ASP C 207 2.60 25.18 -5.50
CA ASP C 207 1.77 26.34 -5.18
C ASP C 207 0.85 26.07 -3.99
N GLY C 208 0.10 27.09 -3.58
CA GLY C 208 -0.78 26.97 -2.44
C GLY C 208 -1.88 25.93 -2.58
N VAL C 209 -2.23 25.32 -1.46
CA VAL C 209 -3.28 24.31 -1.43
C VAL C 209 -4.52 24.98 -0.89
N THR C 210 -5.61 24.88 -1.63
CA THR C 210 -6.85 25.51 -1.25
C THR C 210 -7.95 24.61 -0.72
N THR C 211 -7.83 23.31 -0.96
CA THR C 211 -8.87 22.37 -0.57
C THR C 211 -8.31 20.95 -0.52
N VAL C 212 -8.78 20.16 0.44
CA VAL C 212 -8.35 18.77 0.58
C VAL C 212 -9.55 17.90 0.84
N ALA C 213 -9.45 16.63 0.48
CA ALA C 213 -10.53 15.68 0.70
C ALA C 213 -10.01 14.27 0.94
N VAL C 214 -10.71 13.52 1.78
CA VAL C 214 -10.34 12.13 2.04
C VAL C 214 -11.35 11.24 1.30
N SER C 215 -10.90 10.21 0.60
CA SER C 215 -11.84 9.31 -0.09
C SER C 215 -12.70 8.63 0.96
N PRO C 216 -13.97 8.41 0.65
CA PRO C 216 -14.88 7.76 1.62
C PRO C 216 -14.60 6.29 1.87
N GLY C 217 -15.11 5.79 2.98
CA GLY C 217 -14.94 4.39 3.31
C GLY C 217 -13.66 4.05 4.04
N ASP C 218 -12.61 3.75 3.28
CA ASP C 218 -11.35 3.38 3.90
C ASP C 218 -10.35 4.53 4.00
N GLY C 219 -10.61 5.61 3.28
CA GLY C 219 -9.69 6.74 3.29
C GLY C 219 -8.36 6.41 2.64
N LYS C 220 -8.40 5.59 1.59
CA LYS C 220 -7.18 5.18 0.90
C LYS C 220 -6.54 6.31 0.11
N TYR C 221 -7.34 7.25 -0.36
CA TYR C 221 -6.79 8.35 -1.12
C TYR C 221 -7.10 9.76 -0.59
N ILE C 222 -6.18 10.67 -0.86
CA ILE C 222 -6.34 12.04 -0.47
C ILE C 222 -6.22 12.86 -1.74
N ALA C 223 -7.11 13.82 -1.90
CA ALA C 223 -7.07 14.69 -3.07
C ALA C 223 -6.87 16.13 -2.58
N ALA C 224 -6.23 16.93 -3.41
CA ALA C 224 -6.02 18.33 -3.07
C ALA C 224 -6.14 19.18 -4.32
N GLY C 225 -6.77 20.33 -4.17
CA GLY C 225 -6.92 21.25 -5.27
C GLY C 225 -5.82 22.26 -5.03
N SER C 226 -5.32 22.87 -6.09
CA SER C 226 -4.21 23.80 -5.94
C SER C 226 -4.33 25.07 -6.78
N LEU C 227 -3.64 26.12 -6.32
CA LEU C 227 -3.65 27.40 -7.04
C LEU C 227 -3.06 27.24 -8.44
N ASP C 228 -2.23 26.20 -8.64
CA ASP C 228 -1.63 25.93 -9.94
C ASP C 228 -2.55 25.22 -10.95
N ARG C 229 -3.86 25.24 -10.72
CA ARG C 229 -4.84 24.64 -11.64
C ARG C 229 -4.95 23.12 -11.69
N ALA C 230 -4.20 22.43 -10.84
CA ALA C 230 -4.27 20.98 -10.86
C ALA C 230 -4.97 20.38 -9.66
N VAL C 231 -5.36 19.13 -9.80
CA VAL C 231 -5.96 18.38 -8.72
C VAL C 231 -5.03 17.19 -8.58
N ARG C 232 -4.52 16.94 -7.37
CA ARG C 232 -3.62 15.82 -7.16
C ARG C 232 -4.26 14.78 -6.23
N VAL C 233 -3.96 13.50 -6.47
CA VAL C 233 -4.47 12.43 -5.63
C VAL C 233 -3.28 11.59 -5.15
N TRP C 234 -3.19 11.39 -3.84
CA TRP C 234 -2.10 10.62 -3.26
C TRP C 234 -2.65 9.39 -2.55
N ASP C 235 -1.82 8.35 -2.49
CA ASP C 235 -2.16 7.12 -1.76
C ASP C 235 -1.87 7.58 -0.34
N SER C 236 -2.87 7.57 0.52
CA SER C 236 -2.67 8.08 1.87
C SER C 236 -1.65 7.41 2.76
N GLU C 237 -1.42 6.11 2.60
CA GLU C 237 -0.45 5.47 3.48
C GLU C 237 1.02 5.55 3.05
N THR C 238 1.26 5.77 1.75
CA THR C 238 2.62 5.88 1.20
C THR C 238 3.04 7.31 0.87
N GLY C 239 2.06 8.15 0.56
CA GLY C 239 2.38 9.52 0.20
C GLY C 239 2.73 9.62 -1.27
N PHE C 240 2.64 8.52 -2.00
CA PHE C 240 2.95 8.55 -3.43
C PHE C 240 1.80 9.20 -4.23
N LEU C 241 2.18 10.04 -5.17
CA LEU C 241 1.22 10.72 -6.01
C LEU C 241 0.70 9.66 -6.98
N VAL C 242 -0.60 9.42 -6.99
CA VAL C 242 -1.18 8.42 -7.85
C VAL C 242 -1.77 9.03 -9.11
N GLU C 243 -2.23 10.26 -9.02
CA GLU C 243 -2.80 10.94 -10.17
C GLU C 243 -2.67 12.45 -10.09
N ARG C 244 -2.48 13.06 -11.24
CA ARG C 244 -2.36 14.50 -11.34
C ARG C 244 -3.21 14.98 -12.50
N LEU C 245 -4.35 15.57 -12.20
CA LEU C 245 -5.27 16.07 -13.24
C LEU C 245 -4.86 17.50 -13.56
N ASP C 246 -3.84 17.61 -14.42
CA ASP C 246 -3.23 18.87 -14.82
C ASP C 246 -3.90 19.56 -16.00
N SER C 247 -3.91 20.88 -15.92
CA SER C 247 -4.53 21.73 -16.94
C SER C 247 -4.05 21.42 -18.35
N GLU C 248 -2.87 20.80 -18.46
CA GLU C 248 -2.31 20.44 -19.75
C GLU C 248 -3.36 19.65 -20.52
N ASN C 249 -3.71 18.48 -19.99
CA ASN C 249 -4.71 17.60 -20.58
C ASN C 249 -4.52 17.39 -22.07
N GLU C 250 -4.17 16.15 -22.45
CA GLU C 250 -3.95 15.82 -23.86
C GLU C 250 -5.24 16.08 -24.64
N SER C 251 -6.30 16.39 -23.90
CA SER C 251 -7.61 16.70 -24.48
C SER C 251 -7.99 18.14 -24.17
N GLY C 252 -7.06 18.88 -23.56
CA GLY C 252 -7.31 20.27 -23.21
C GLY C 252 -8.56 20.35 -22.35
N THR C 253 -8.63 19.46 -21.36
CA THR C 253 -9.77 19.36 -20.46
C THR C 253 -9.48 19.80 -19.02
N GLY C 254 -8.25 20.24 -18.76
CA GLY C 254 -7.89 20.68 -17.42
C GLY C 254 -8.41 22.07 -17.12
N HIS C 255 -8.42 22.45 -15.85
CA HIS C 255 -8.92 23.76 -15.48
C HIS C 255 -8.02 24.86 -16.03
N LYS C 256 -8.60 26.02 -16.32
CA LYS C 256 -7.84 27.14 -16.88
C LYS C 256 -7.40 28.16 -15.83
N ASP C 257 -7.80 27.92 -14.58
CA ASP C 257 -7.44 28.81 -13.48
C ASP C 257 -7.44 27.98 -12.21
N SER C 258 -7.08 28.63 -11.11
CA SER C 258 -6.99 27.97 -9.81
C SER C 258 -8.20 27.13 -9.37
N VAL C 259 -7.91 26.01 -8.75
CA VAL C 259 -8.96 25.14 -8.24
C VAL C 259 -9.21 25.53 -6.79
N TYR C 260 -10.47 25.72 -6.42
CA TYR C 260 -10.80 26.13 -5.05
C TYR C 260 -11.56 25.12 -4.21
N SER C 261 -12.05 24.04 -4.83
CA SER C 261 -12.80 23.03 -4.10
C SER C 261 -12.76 21.66 -4.79
N VAL C 262 -12.63 20.60 -4.01
CA VAL C 262 -12.62 19.25 -4.52
C VAL C 262 -13.26 18.36 -3.46
N VAL C 263 -13.98 17.34 -3.91
CA VAL C 263 -14.59 16.35 -3.02
C VAL C 263 -14.59 15.08 -3.84
N PHE C 264 -14.66 13.94 -3.17
CA PHE C 264 -14.74 12.67 -3.88
C PHE C 264 -16.24 12.43 -4.06
N THR C 265 -16.62 11.61 -5.02
CA THR C 265 -18.02 11.27 -5.17
C THR C 265 -18.20 10.25 -4.04
N ARG C 266 -19.42 10.04 -3.57
CA ARG C 266 -19.63 9.11 -2.47
C ARG C 266 -19.27 7.65 -2.77
N ASP C 267 -19.14 7.30 -4.04
CA ASP C 267 -18.76 5.93 -4.35
C ASP C 267 -17.24 5.81 -4.37
N GLY C 268 -16.56 6.91 -4.09
CA GLY C 268 -15.12 6.95 -4.06
C GLY C 268 -14.42 6.74 -5.39
N GLN C 269 -15.18 6.69 -6.48
CA GLN C 269 -14.63 6.46 -7.81
C GLN C 269 -14.22 7.70 -8.60
N SER C 270 -14.74 8.86 -8.22
CA SER C 270 -14.39 10.07 -8.95
C SER C 270 -14.15 11.28 -8.04
N VAL C 271 -13.64 12.33 -8.65
CA VAL C 271 -13.35 13.59 -7.98
C VAL C 271 -14.10 14.70 -8.69
N VAL C 272 -14.67 15.62 -7.93
CA VAL C 272 -15.37 16.74 -8.51
C VAL C 272 -14.57 17.97 -8.09
N SER C 273 -14.28 18.85 -9.04
CA SER C 273 -13.51 20.03 -8.73
C SER C 273 -14.17 21.31 -9.24
N GLY C 274 -14.04 22.38 -8.44
CA GLY C 274 -14.58 23.68 -8.80
C GLY C 274 -13.43 24.66 -8.97
N SER C 275 -13.53 25.55 -9.95
CA SER C 275 -12.44 26.45 -10.23
C SER C 275 -12.87 27.87 -10.56
N LEU C 276 -11.90 28.78 -10.42
CA LEU C 276 -12.10 30.18 -10.73
C LEU C 276 -12.31 30.35 -12.24
N ASP C 277 -12.05 29.29 -13.01
CA ASP C 277 -12.29 29.39 -14.46
C ASP C 277 -13.78 29.28 -14.76
N ARG C 278 -14.59 29.26 -13.69
CA ARG C 278 -16.06 29.22 -13.77
C ARG C 278 -16.65 27.88 -14.11
N SER C 279 -15.87 26.81 -14.03
CA SER C 279 -16.40 25.50 -14.36
C SER C 279 -16.26 24.55 -13.20
N VAL C 280 -17.04 23.48 -13.28
CA VAL C 280 -16.98 22.40 -12.31
C VAL C 280 -16.57 21.22 -13.21
N LYS C 281 -15.79 20.29 -12.69
CA LYS C 281 -15.40 19.12 -13.50
C LYS C 281 -15.54 17.79 -12.76
N LEU C 282 -15.94 16.76 -13.50
CA LEU C 282 -16.07 15.43 -12.95
C LEU C 282 -14.90 14.65 -13.52
N TRP C 283 -14.06 14.10 -12.65
CA TRP C 283 -12.91 13.34 -13.09
C TRP C 283 -13.03 11.86 -12.71
N ASN C 284 -12.81 10.96 -13.68
CA ASN C 284 -12.86 9.50 -13.42
C ASN C 284 -11.45 9.09 -13.06
N LEU C 285 -11.29 8.45 -11.91
CA LEU C 285 -9.96 8.02 -11.48
C LEU C 285 -9.53 6.72 -12.16
N GLN C 286 -8.33 6.75 -12.75
CA GLN C 286 -7.78 5.59 -13.44
C GLN C 286 -6.84 4.79 -12.53
N THR C 301 -8.77 11.33 -16.08
CA THR C 301 -9.51 11.79 -17.26
C THR C 301 -10.80 12.55 -16.91
N CYS C 302 -11.07 13.64 -17.62
CA CYS C 302 -12.24 14.48 -17.38
C CYS C 302 -13.48 14.05 -18.15
N GLU C 303 -14.46 13.49 -17.43
CA GLU C 303 -15.68 13.00 -18.04
C GLU C 303 -16.70 14.10 -18.34
N VAL C 304 -16.88 15.02 -17.40
CA VAL C 304 -17.84 16.11 -17.60
C VAL C 304 -17.34 17.48 -17.13
N THR C 305 -17.59 18.50 -17.96
CA THR C 305 -17.28 19.89 -17.61
C THR C 305 -18.64 20.59 -17.58
N TYR C 306 -19.09 20.97 -16.39
CA TYR C 306 -20.37 21.64 -16.22
C TYR C 306 -20.16 23.13 -16.43
N ILE C 307 -20.89 23.67 -17.40
CA ILE C 307 -20.78 25.07 -17.76
C ILE C 307 -22.08 25.78 -17.45
N GLY C 308 -21.99 26.93 -16.78
CA GLY C 308 -23.19 27.66 -16.43
C GLY C 308 -22.97 28.85 -15.52
N HIS C 309 -22.04 28.73 -14.60
CA HIS C 309 -21.75 29.81 -13.68
C HIS C 309 -21.13 30.96 -14.43
N LYS C 310 -21.48 32.17 -14.00
CA LYS C 310 -20.99 33.39 -14.63
C LYS C 310 -19.78 34.02 -13.93
N ASP C 311 -19.31 33.40 -12.86
CA ASP C 311 -18.15 33.93 -12.13
C ASP C 311 -17.49 32.75 -11.43
N PHE C 312 -16.47 33.03 -10.61
CA PHE C 312 -15.71 32.02 -9.86
C PHE C 312 -16.55 30.94 -9.19
N VAL C 313 -16.13 29.70 -9.34
CA VAL C 313 -16.81 28.62 -8.66
C VAL C 313 -15.95 28.45 -7.42
N LEU C 314 -16.58 28.54 -6.26
CA LEU C 314 -15.84 28.45 -5.00
C LEU C 314 -16.05 27.20 -4.16
N SER C 315 -17.10 26.44 -4.44
CA SER C 315 -17.40 25.27 -3.62
C SER C 315 -18.30 24.27 -4.35
N VAL C 316 -18.03 22.99 -4.14
CA VAL C 316 -18.82 21.94 -4.79
C VAL C 316 -19.13 20.88 -3.76
N ALA C 317 -20.14 20.08 -4.04
CA ALA C 317 -20.54 18.99 -3.15
C ALA C 317 -21.41 18.08 -4.00
N THR C 318 -21.67 16.87 -3.53
CA THR C 318 -22.55 15.97 -4.28
C THR C 318 -23.60 15.48 -3.30
N THR C 319 -24.82 15.28 -3.81
CA THR C 319 -25.92 14.80 -3.00
C THR C 319 -25.82 13.29 -2.83
N GLN C 320 -26.72 12.75 -2.02
CA GLN C 320 -26.78 11.31 -1.77
C GLN C 320 -26.84 10.56 -3.09
N ASN C 321 -26.03 9.52 -3.18
CA ASN C 321 -25.96 8.72 -4.40
C ASN C 321 -25.45 9.48 -5.61
N ASP C 322 -24.72 10.57 -5.36
CA ASP C 322 -24.15 11.39 -6.44
C ASP C 322 -25.13 11.65 -7.60
N GLU C 323 -26.41 11.74 -7.29
CA GLU C 323 -27.38 12.01 -8.33
C GLU C 323 -27.10 13.42 -8.86
N TYR C 324 -26.88 14.36 -7.95
CA TYR C 324 -26.67 15.73 -8.35
C TYR C 324 -25.37 16.32 -7.81
N ILE C 325 -24.90 17.35 -8.50
CA ILE C 325 -23.72 18.06 -8.04
C ILE C 325 -24.19 19.48 -7.74
N LEU C 326 -23.80 20.02 -6.60
CA LEU C 326 -24.18 21.38 -6.26
C LEU C 326 -22.95 22.23 -6.25
N SER C 327 -23.04 23.43 -6.81
CA SER C 327 -21.89 24.33 -6.82
C SER C 327 -22.28 25.74 -6.39
N GLY C 328 -21.39 26.35 -5.60
CA GLY C 328 -21.63 27.71 -5.13
C GLY C 328 -20.65 28.61 -5.83
N SER C 329 -21.10 29.79 -6.18
CA SER C 329 -20.25 30.69 -6.92
C SER C 329 -20.26 32.14 -6.44
N LYS C 330 -19.30 32.90 -6.94
CA LYS C 330 -19.19 34.31 -6.65
C LYS C 330 -20.34 34.99 -7.37
N ASP C 331 -21.02 34.28 -8.27
CA ASP C 331 -22.16 34.89 -8.93
C ASP C 331 -23.39 34.87 -8.01
N ARG C 332 -23.17 34.52 -6.75
CA ARG C 332 -24.23 34.51 -5.72
C ARG C 332 -25.19 33.34 -5.80
N GLY C 333 -24.98 32.50 -6.80
CA GLY C 333 -25.90 31.39 -6.94
C GLY C 333 -25.37 30.03 -6.56
N VAL C 334 -26.32 29.11 -6.48
CA VAL C 334 -25.99 27.72 -6.25
C VAL C 334 -26.63 27.01 -7.42
N LEU C 335 -25.84 26.25 -8.18
CA LEU C 335 -26.42 25.49 -9.30
C LEU C 335 -26.54 24.03 -8.90
N PHE C 336 -27.62 23.40 -9.37
CA PHE C 336 -27.89 21.98 -9.18
C PHE C 336 -27.58 21.38 -10.55
N TRP C 337 -26.69 20.41 -10.62
CA TRP C 337 -26.38 19.81 -11.91
C TRP C 337 -26.75 18.33 -11.92
N ASP C 338 -27.26 17.87 -13.05
CA ASP C 338 -27.56 16.44 -13.21
C ASP C 338 -26.14 15.91 -13.48
N LYS C 339 -25.57 15.18 -12.54
CA LYS C 339 -24.22 14.67 -12.68
C LYS C 339 -23.89 13.96 -14.02
N LYS C 340 -24.77 13.05 -14.43
CA LYS C 340 -24.57 12.28 -15.65
C LYS C 340 -24.56 13.07 -16.97
N SER C 341 -25.57 13.91 -17.19
CA SER C 341 -25.64 14.67 -18.43
C SER C 341 -24.89 15.98 -18.44
N GLY C 342 -24.67 16.57 -17.26
CA GLY C 342 -23.99 17.86 -17.21
C GLY C 342 -24.93 19.05 -17.38
N ASN C 343 -26.23 18.77 -17.51
CA ASN C 343 -27.23 19.83 -17.66
C ASN C 343 -27.54 20.51 -16.34
N PRO C 344 -27.59 21.85 -16.34
CA PRO C 344 -27.90 22.50 -15.07
C PRO C 344 -29.42 22.36 -14.89
N LEU C 345 -29.88 21.96 -13.72
CA LEU C 345 -31.32 21.81 -13.47
C LEU C 345 -32.00 23.09 -12.99
N LEU C 346 -31.32 23.82 -12.10
CA LEU C 346 -31.87 25.05 -11.55
C LEU C 346 -30.80 25.87 -10.84
N MET C 347 -31.00 27.18 -10.88
CA MET C 347 -30.14 28.14 -10.26
C MET C 347 -30.85 28.74 -9.03
N LEU C 348 -30.28 28.55 -7.85
CA LEU C 348 -30.84 29.13 -6.63
C LEU C 348 -30.09 30.44 -6.27
N GLN C 349 -30.81 31.55 -6.28
CA GLN C 349 -30.22 32.84 -5.89
C GLN C 349 -30.76 33.12 -4.49
N GLY C 350 -29.99 32.76 -3.47
CA GLY C 350 -30.47 32.95 -2.11
C GLY C 350 -29.56 33.71 -1.16
N HIS C 351 -28.66 34.49 -1.74
CA HIS C 351 -27.73 35.29 -0.97
C HIS C 351 -27.47 36.61 -1.70
N ARG C 352 -27.03 37.63 -0.97
CA ARG C 352 -26.75 38.93 -1.60
C ARG C 352 -25.29 39.10 -1.93
N ASN C 353 -24.53 38.03 -1.76
CA ASN C 353 -23.11 38.07 -2.06
C ASN C 353 -22.64 36.64 -2.38
N SER C 354 -21.34 36.50 -2.62
CA SER C 354 -20.72 35.22 -2.95
C SER C 354 -21.09 34.02 -2.07
N VAL C 355 -21.38 32.90 -2.72
CA VAL C 355 -21.64 31.67 -1.98
C VAL C 355 -20.24 31.07 -1.87
N ILE C 356 -19.67 31.13 -0.68
CA ILE C 356 -18.32 30.68 -0.41
C ILE C 356 -18.19 29.21 -0.08
N SER C 357 -19.22 28.64 0.48
CA SER C 357 -19.19 27.27 0.91
C SER C 357 -20.55 26.60 0.77
N VAL C 358 -20.54 25.36 0.30
CA VAL C 358 -21.74 24.57 0.15
C VAL C 358 -21.49 23.23 0.81
N ALA C 359 -22.46 22.73 1.57
CA ALA C 359 -22.31 21.44 2.20
C ALA C 359 -23.64 20.70 2.06
N VAL C 360 -23.57 19.38 1.97
CA VAL C 360 -24.75 18.53 1.86
C VAL C 360 -24.81 17.62 3.09
N ALA C 361 -26.00 17.37 3.60
CA ALA C 361 -26.15 16.54 4.77
C ALA C 361 -26.39 15.06 4.46
N ASN C 362 -25.95 14.20 5.35
CA ASN C 362 -26.23 12.78 5.19
C ASN C 362 -27.51 12.59 6.01
N GLY C 363 -28.06 11.40 6.00
CA GLY C 363 -29.27 11.14 6.75
C GLY C 363 -30.47 11.93 6.26
N SER C 364 -31.34 12.29 7.18
CA SER C 364 -32.55 13.05 6.87
C SER C 364 -33.17 13.55 8.18
N SER C 365 -32.56 14.60 8.71
CA SER C 365 -33.03 15.17 9.97
C SER C 365 -34.37 15.85 9.85
N LEU C 366 -34.75 16.25 8.64
CA LEU C 366 -36.03 16.92 8.46
C LEU C 366 -37.09 16.00 7.90
N GLY C 367 -36.87 14.70 8.03
CA GLY C 367 -37.83 13.74 7.52
C GLY C 367 -37.32 12.99 6.30
N PRO C 368 -37.92 11.84 5.97
CA PRO C 368 -37.50 11.03 4.82
C PRO C 368 -37.82 11.65 3.46
N GLU C 369 -38.67 12.67 3.45
CA GLU C 369 -39.05 13.32 2.21
C GLU C 369 -38.12 14.47 1.81
N TYR C 370 -37.16 14.82 2.67
CA TYR C 370 -36.29 15.94 2.35
C TYR C 370 -34.81 15.68 2.35
N ASN C 371 -34.11 16.39 1.48
CA ASN C 371 -32.66 16.33 1.46
C ASN C 371 -32.25 17.72 1.94
N VAL C 372 -31.19 17.77 2.74
CA VAL C 372 -30.72 19.01 3.30
C VAL C 372 -29.32 19.39 2.83
N PHE C 373 -29.15 20.68 2.55
CA PHE C 373 -27.85 21.20 2.19
C PHE C 373 -27.75 22.61 2.81
N ALA C 374 -26.54 23.15 2.88
CA ALA C 374 -26.35 24.45 3.49
C ALA C 374 -25.38 25.30 2.71
N THR C 375 -25.51 26.62 2.87
CA THR C 375 -24.65 27.56 2.20
C THR C 375 -24.10 28.59 3.20
N GLY C 376 -22.87 29.02 2.96
CA GLY C 376 -22.20 30.03 3.77
C GLY C 376 -21.90 31.13 2.78
N SER C 377 -22.19 32.37 3.14
CA SER C 377 -21.96 33.45 2.19
C SER C 377 -21.20 34.67 2.70
N GLY C 378 -20.77 35.48 1.74
CA GLY C 378 -20.09 36.72 2.04
C GLY C 378 -21.13 37.71 2.55
N ASP C 379 -22.42 37.39 2.44
CA ASP C 379 -23.41 38.32 2.95
C ASP C 379 -23.62 38.12 4.45
N CYS C 380 -22.72 37.38 5.08
CA CYS C 380 -22.76 37.11 6.51
C CYS C 380 -23.91 36.21 7.00
N LYS C 381 -24.52 35.45 6.09
CA LYS C 381 -25.57 34.56 6.51
C LYS C 381 -25.22 33.14 6.11
N ALA C 382 -25.67 32.18 6.91
CA ALA C 382 -25.52 30.77 6.60
C ALA C 382 -26.94 30.32 6.50
N ARG C 383 -27.29 29.59 5.46
CA ARG C 383 -28.66 29.12 5.33
C ARG C 383 -28.77 27.60 5.17
N ILE C 384 -29.82 27.04 5.75
CA ILE C 384 -30.09 25.63 5.69
C ILE C 384 -31.25 25.50 4.73
N TRP C 385 -31.07 24.72 3.68
CA TRP C 385 -32.11 24.53 2.67
C TRP C 385 -32.57 23.08 2.66
N LYS C 386 -33.75 22.84 2.12
CA LYS C 386 -34.25 21.47 2.02
C LYS C 386 -34.88 21.37 0.64
N TYR C 387 -34.71 20.24 -0.02
CA TYR C 387 -35.27 20.08 -1.34
C TYR C 387 -35.95 18.71 -1.48
N LYS C 388 -36.84 18.59 -2.44
CA LYS C 388 -37.52 17.31 -2.62
C LYS C 388 -38.09 17.20 -4.01
N LYS C 389 -38.40 15.96 -4.40
CA LYS C 389 -39.00 15.67 -5.70
C LYS C 389 -40.41 16.24 -5.69
N ILE C 390 -40.84 16.79 -6.82
CA ILE C 390 -42.18 17.37 -6.90
C ILE C 390 -42.91 16.80 -8.10
#